data_1I7L
#
_entry.id   1I7L
#
_cell.length_a   121.275
_cell.length_b   121.275
_cell.length_c   165.891
_cell.angle_alpha   90.00
_cell.angle_beta   90.00
_cell.angle_gamma   120.00
#
_symmetry.space_group_name_H-M   'P 63 2 2'
#
loop_
_entity.id
_entity.type
_entity.pdbx_description
1 polymer 'SYNAPSIN II'
2 non-polymer "ADENOSINE-5'-TRIPHOSPHATE"
3 water water
#
_entity_poly.entity_id   1
_entity_poly.type   'polypeptide(L)'
_entity_poly.pdbx_seq_one_letter_code
;KAKVLLVVDEPHTDWAKCFRGKKILGDYDIKVEQAEFSELNLVAHADGTYAVDMQVLRNGTKVVRSFRPDFVLIRQHAFG
MAENEDFRHLVIGMQYAGLPSINSLESIYNFCDKPWVFAQMVAIFKTLGGEKFPLIEQTYYPNHREMLTLPTFPVVVKIG
HAHSGMGKVKVENHYDFQDIASVVALTQTYATAEPFIDAKYDIRVQKIGNNYKAYMRTSISGNWKTNTGSAMLEQIAMSD
RYKLWVDACSEMFGGLDICAVKAVHGKDGKDYIFEVMDCSMPLIGEHQVEDRQLITDLVISKMNQLLSR
;
_entity_poly.pdbx_strand_id   A,B
#
loop_
_chem_comp.id
_chem_comp.type
_chem_comp.name
_chem_comp.formula
ATP non-polymer ADENOSINE-5'-TRIPHOSPHATE 'C10 H16 N5 O13 P3'
#
# COMPACT_ATOMS: atom_id res chain seq x y z
N LYS A 1 32.19 -18.66 1.46
CA LYS A 1 31.12 -18.37 2.48
C LYS A 1 30.54 -16.95 2.25
N ALA A 2 29.47 -16.80 1.44
CA ALA A 2 28.95 -15.45 1.16
C ALA A 2 27.49 -15.15 1.21
N LYS A 3 27.18 -13.89 1.50
CA LYS A 3 25.80 -13.43 1.54
C LYS A 3 25.45 -12.82 0.18
N VAL A 4 24.31 -13.21 -0.37
CA VAL A 4 23.89 -12.68 -1.65
C VAL A 4 23.07 -11.38 -1.54
N LEU A 5 23.51 -10.37 -2.29
CA LEU A 5 22.85 -9.09 -2.34
C LEU A 5 22.27 -8.93 -3.75
N LEU A 6 20.97 -8.72 -3.82
CA LEU A 6 20.30 -8.46 -5.08
C LEU A 6 20.25 -6.94 -5.18
N VAL A 7 20.67 -6.38 -6.30
CA VAL A 7 20.55 -4.94 -6.46
C VAL A 7 19.66 -4.78 -7.69
N VAL A 8 18.62 -3.99 -7.55
CA VAL A 8 17.70 -3.80 -8.63
C VAL A 8 18.03 -2.46 -9.22
N ASP A 9 18.73 -2.48 -10.35
CA ASP A 9 19.14 -1.25 -11.01
C ASP A 9 19.59 -1.52 -12.46
N GLU A 10 19.68 -0.47 -13.27
CA GLU A 10 20.12 -0.57 -14.67
C GLU A 10 21.59 -0.98 -14.80
N PRO A 11 21.97 -1.65 -15.90
CA PRO A 11 23.31 -2.16 -16.25
C PRO A 11 24.53 -1.22 -16.37
N HIS A 12 24.31 0.09 -16.41
CA HIS A 12 25.43 1.00 -16.52
C HIS A 12 26.11 1.24 -15.17
N THR A 13 25.39 1.05 -14.08
CA THR A 13 26.03 1.23 -12.78
C THR A 13 26.52 -0.17 -12.46
N ASP A 14 27.74 -0.27 -11.93
CA ASP A 14 28.37 -1.58 -11.64
C ASP A 14 28.45 -1.91 -10.15
N TRP A 15 27.32 -2.25 -9.53
CA TRP A 15 27.34 -2.48 -8.12
C TRP A 15 28.28 -3.61 -7.68
N ALA A 16 28.53 -4.61 -8.51
CA ALA A 16 29.45 -5.66 -8.06
C ALA A 16 30.84 -5.04 -7.84
N LYS A 17 31.10 -3.89 -8.47
CA LYS A 17 32.40 -3.24 -8.31
C LYS A 17 32.45 -2.54 -6.97
N CYS A 18 31.37 -1.89 -6.58
CA CYS A 18 31.38 -1.23 -5.27
C CYS A 18 31.53 -2.17 -4.09
N PHE A 19 31.04 -3.40 -4.20
CA PHE A 19 31.10 -4.30 -3.04
C PHE A 19 32.28 -5.27 -3.01
N ARG A 20 33.09 -5.22 -4.06
CA ARG A 20 34.25 -6.09 -4.19
C ARG A 20 35.18 -5.95 -2.98
N GLY A 21 35.45 -7.09 -2.34
CA GLY A 21 36.32 -7.06 -1.19
C GLY A 21 35.67 -6.72 0.11
N LYS A 22 34.47 -6.12 0.07
CA LYS A 22 33.77 -5.75 1.30
C LYS A 22 33.32 -7.00 2.08
N LYS A 23 33.32 -6.88 3.40
CA LYS A 23 32.94 -7.99 4.24
C LYS A 23 31.77 -7.63 5.10
N ILE A 24 31.02 -8.65 5.49
CA ILE A 24 29.92 -8.46 6.41
C ILE A 24 30.04 -9.56 7.50
N LEU A 25 29.57 -9.25 8.70
CA LEU A 25 29.62 -10.19 9.81
C LEU A 25 31.04 -10.67 10.02
N GLY A 26 32.00 -9.77 9.82
CA GLY A 26 33.38 -10.13 9.99
C GLY A 26 34.02 -10.81 8.79
N ASP A 27 33.78 -12.11 8.59
CA ASP A 27 34.41 -12.78 7.48
C ASP A 27 33.58 -13.25 6.28
N TYR A 28 32.29 -12.92 6.23
CA TYR A 28 31.49 -13.28 5.05
C TYR A 28 31.78 -12.30 3.92
N ASP A 29 31.84 -12.82 2.71
CA ASP A 29 31.96 -11.97 1.54
C ASP A 29 30.55 -11.63 1.01
N ILE A 30 30.48 -10.70 0.06
CA ILE A 30 29.21 -10.32 -0.54
C ILE A 30 29.13 -10.72 -2.01
N LYS A 31 28.14 -11.53 -2.40
CA LYS A 31 28.03 -11.89 -3.81
C LYS A 31 26.90 -11.03 -4.36
N VAL A 32 27.20 -10.13 -5.33
CA VAL A 32 26.19 -9.24 -5.92
C VAL A 32 25.49 -9.81 -7.18
N GLU A 33 24.14 -9.74 -7.20
CA GLU A 33 23.31 -10.13 -8.36
C GLU A 33 22.62 -8.83 -8.74
N GLN A 34 22.78 -8.39 -9.97
CA GLN A 34 22.15 -7.13 -10.37
C GLN A 34 21.26 -7.35 -11.58
N ALA A 35 20.16 -6.63 -11.61
CA ALA A 35 19.20 -6.75 -12.72
C ALA A 35 18.10 -5.76 -12.51
N GLU A 36 17.39 -5.48 -13.58
CA GLU A 36 16.24 -4.55 -13.54
C GLU A 36 14.95 -5.36 -13.24
N PHE A 37 13.94 -4.68 -12.72
CA PHE A 37 12.66 -5.34 -12.40
C PHE A 37 12.09 -6.17 -13.56
N SER A 38 12.24 -5.67 -14.77
CA SER A 38 11.70 -6.36 -15.93
C SER A 38 12.39 -7.68 -16.17
N GLU A 39 13.54 -7.91 -15.52
CA GLU A 39 14.24 -9.17 -15.75
C GLU A 39 14.15 -10.15 -14.57
N LEU A 40 13.42 -9.74 -13.53
CA LEU A 40 13.32 -10.57 -12.34
C LEU A 40 11.99 -11.21 -12.11
N ASN A 41 12.03 -12.33 -11.43
CA ASN A 41 10.82 -13.04 -11.03
C ASN A 41 11.22 -13.87 -9.83
N LEU A 42 10.24 -14.33 -9.07
CA LEU A 42 10.56 -15.12 -7.90
C LEU A 42 9.38 -15.93 -7.46
N VAL A 43 9.61 -16.80 -6.47
CA VAL A 43 8.53 -17.55 -5.88
C VAL A 43 8.91 -17.57 -4.38
N ALA A 44 7.93 -17.44 -3.49
CA ALA A 44 8.22 -17.45 -2.03
C ALA A 44 7.20 -18.30 -1.33
N HIS A 45 7.58 -18.84 -0.18
CA HIS A 45 6.74 -19.77 0.56
C HIS A 45 6.64 -19.34 2.00
N ALA A 46 5.48 -19.59 2.57
CA ALA A 46 5.20 -19.27 3.95
C ALA A 46 6.13 -20.01 4.87
N ASP A 47 6.63 -21.17 4.44
CA ASP A 47 7.48 -21.86 5.37
C ASP A 47 8.85 -21.14 5.49
N GLY A 48 9.08 -20.11 4.66
CA GLY A 48 10.32 -19.38 4.78
C GLY A 48 11.34 -19.50 3.67
N THR A 49 11.16 -20.48 2.77
CA THR A 49 12.13 -20.59 1.68
C THR A 49 11.58 -19.83 0.47
N TYR A 50 12.49 -19.30 -0.35
CA TYR A 50 12.14 -18.57 -1.58
C TYR A 50 13.29 -18.72 -2.64
N ALA A 51 13.10 -18.18 -3.85
CA ALA A 51 14.08 -18.30 -4.91
C ALA A 51 13.84 -17.26 -6.00
N VAL A 52 14.89 -16.59 -6.45
CA VAL A 52 14.78 -15.54 -7.48
C VAL A 52 15.42 -15.93 -8.81
N ASP A 53 14.79 -15.51 -9.89
CA ASP A 53 15.25 -15.79 -11.25
C ASP A 53 15.59 -14.51 -11.91
N MET A 54 16.62 -14.54 -12.73
CA MET A 54 17.09 -13.36 -13.41
C MET A 54 17.28 -13.79 -14.84
N GLN A 55 16.54 -13.17 -15.74
CA GLN A 55 16.64 -13.51 -17.15
C GLN A 55 17.27 -12.36 -17.89
N VAL A 56 18.55 -12.52 -18.21
CA VAL A 56 19.28 -11.49 -18.95
C VAL A 56 19.71 -11.95 -20.33
N LEU A 57 19.71 -11.03 -21.29
CA LEU A 57 20.11 -11.34 -22.67
C LEU A 57 21.60 -11.66 -22.76
N ARG A 58 22.03 -12.85 -22.35
CA ARG A 58 23.44 -13.18 -22.44
C ARG A 58 23.68 -14.60 -22.91
N ASN A 59 24.91 -14.88 -23.36
CA ASN A 59 25.28 -16.21 -23.84
C ASN A 59 24.38 -16.59 -25.02
N GLY A 60 23.43 -15.73 -25.32
CA GLY A 60 22.51 -15.98 -26.41
C GLY A 60 21.43 -14.91 -26.46
N THR A 61 20.17 -15.34 -26.47
CA THR A 61 19.05 -14.41 -26.51
C THR A 61 18.34 -14.39 -25.17
N LYS A 62 18.50 -15.47 -24.40
CA LYS A 62 17.84 -15.60 -23.10
C LYS A 62 18.46 -16.68 -22.21
N VAL A 63 19.22 -16.27 -21.20
CA VAL A 63 19.79 -17.23 -20.24
C VAL A 63 19.19 -16.91 -18.85
N VAL A 64 19.07 -17.91 -17.97
CA VAL A 64 18.48 -17.64 -16.67
C VAL A 64 19.14 -18.18 -15.40
N ARG A 65 19.99 -17.37 -14.77
CA ARG A 65 20.64 -17.78 -13.54
C ARG A 65 19.61 -17.69 -12.43
N SER A 66 19.76 -18.54 -11.42
CA SER A 66 18.82 -18.59 -10.32
C SER A 66 19.62 -18.38 -9.05
N PHE A 67 19.00 -17.84 -8.02
CA PHE A 67 19.70 -17.57 -6.77
C PHE A 67 18.79 -17.20 -5.59
N ARG A 68 19.36 -17.11 -4.39
CA ARG A 68 18.58 -16.80 -3.22
C ARG A 68 19.18 -15.63 -2.47
N PRO A 69 18.67 -14.40 -2.69
CA PRO A 69 19.24 -13.24 -2.00
C PRO A 69 19.02 -13.21 -0.49
N ASP A 70 19.94 -12.57 0.23
CA ASP A 70 19.81 -12.45 1.67
C ASP A 70 19.43 -11.02 1.98
N PHE A 71 19.52 -10.10 0.99
CA PHE A 71 19.24 -8.63 1.14
C PHE A 71 18.99 -8.01 -0.20
N VAL A 72 18.19 -6.96 -0.24
CA VAL A 72 17.92 -6.29 -1.49
C VAL A 72 18.16 -4.80 -1.36
N LEU A 73 18.73 -4.21 -2.43
CA LEU A 73 18.95 -2.77 -2.52
C LEU A 73 18.16 -2.48 -3.81
N ILE A 74 17.20 -1.58 -3.72
CA ILE A 74 16.34 -1.27 -4.83
C ILE A 74 16.59 0.16 -5.29
N ARG A 75 16.89 0.31 -6.58
CA ARG A 75 17.18 1.62 -7.15
C ARG A 75 16.20 2.09 -8.25
N GLN A 76 15.30 1.20 -8.70
CA GLN A 76 14.32 1.62 -9.72
C GLN A 76 12.94 1.84 -9.10
N HIS A 77 12.07 2.46 -9.89
CA HIS A 77 10.72 2.71 -9.44
C HIS A 77 10.06 1.34 -9.56
N ALA A 78 9.25 0.98 -8.58
CA ALA A 78 8.58 -0.31 -8.58
C ALA A 78 7.26 -0.24 -9.33
N PHE A 79 6.71 0.96 -9.41
CA PHE A 79 5.43 1.14 -10.08
C PHE A 79 5.42 2.27 -11.07
N GLY A 80 4.57 2.15 -12.07
CA GLY A 80 4.46 3.25 -13.04
C GLY A 80 3.22 2.96 -13.86
N MET A 81 2.48 3.98 -14.27
CA MET A 81 1.30 3.71 -15.04
C MET A 81 1.46 3.64 -16.53
N ALA A 82 2.69 3.66 -17.01
CA ALA A 82 2.92 3.54 -18.47
C ALA A 82 3.09 2.06 -18.68
N GLU A 83 3.10 1.56 -19.91
CA GLU A 83 3.17 0.12 -20.07
C GLU A 83 4.43 -0.57 -19.56
N ASN A 84 4.22 -1.78 -19.05
CA ASN A 84 5.25 -2.62 -18.52
C ASN A 84 6.04 -1.95 -17.39
N GLU A 85 5.36 -1.15 -16.58
CA GLU A 85 6.02 -0.51 -15.46
C GLU A 85 5.43 -0.88 -14.08
N ASP A 86 4.49 -1.82 -14.05
CA ASP A 86 3.93 -2.26 -12.79
C ASP A 86 4.72 -3.46 -12.26
N PHE A 87 5.44 -3.27 -11.17
CA PHE A 87 6.15 -4.39 -10.58
C PHE A 87 5.79 -4.49 -9.13
N ARG A 88 4.57 -4.06 -8.79
CA ARG A 88 4.16 -4.15 -7.42
C ARG A 88 4.16 -5.63 -6.98
N HIS A 89 3.82 -6.54 -7.88
CA HIS A 89 3.74 -7.96 -7.60
C HIS A 89 5.08 -8.51 -7.17
N LEU A 90 6.19 -7.95 -7.68
CA LEU A 90 7.52 -8.43 -7.25
C LEU A 90 7.81 -7.90 -5.86
N VAL A 91 7.38 -6.67 -5.55
CA VAL A 91 7.66 -6.13 -4.20
C VAL A 91 6.86 -6.90 -3.12
N ILE A 92 5.64 -7.32 -3.44
CA ILE A 92 4.80 -8.05 -2.51
C ILE A 92 5.55 -9.37 -2.30
N GLY A 93 5.98 -10.03 -3.38
CA GLY A 93 6.74 -11.26 -3.25
C GLY A 93 7.97 -11.13 -2.34
N MET A 94 8.73 -10.06 -2.48
CA MET A 94 9.91 -9.93 -1.65
C MET A 94 9.53 -9.75 -0.22
N GLN A 95 8.38 -9.15 0.03
CA GLN A 95 7.98 -8.97 1.42
C GLN A 95 7.48 -10.33 1.95
N TYR A 96 6.75 -11.06 1.10
CA TYR A 96 6.22 -12.41 1.45
C TYR A 96 7.40 -13.29 1.91
N ALA A 97 8.59 -13.10 1.27
CA ALA A 97 9.77 -13.88 1.63
C ALA A 97 10.49 -13.27 2.81
N GLY A 98 10.00 -12.18 3.36
CA GLY A 98 10.71 -11.60 4.47
C GLY A 98 12.09 -10.98 4.16
N LEU A 99 12.34 -10.55 2.93
CA LEU A 99 13.63 -9.97 2.58
C LEU A 99 13.97 -8.62 3.24
N PRO A 100 15.17 -8.49 3.86
CA PRO A 100 15.58 -7.21 4.48
C PRO A 100 16.03 -6.38 3.29
N SER A 101 15.79 -5.09 3.31
CA SER A 101 16.24 -4.34 2.12
C SER A 101 16.39 -2.84 2.40
N ILE A 102 16.83 -2.11 1.39
CA ILE A 102 16.97 -0.65 1.48
C ILE A 102 16.37 -0.10 0.19
N ASN A 103 15.38 0.76 0.30
CA ASN A 103 14.72 1.17 1.49
C ASN A 103 13.90 -0.09 1.96
N SER A 104 13.15 0.01 3.07
CA SER A 104 12.30 -1.13 3.53
C SER A 104 11.23 -1.40 2.47
N LEU A 105 10.90 -2.68 2.25
CA LEU A 105 9.85 -3.02 1.27
C LEU A 105 8.51 -2.30 1.69
N GLU A 106 8.34 -2.05 2.97
CA GLU A 106 7.15 -1.35 3.44
C GLU A 106 7.04 0.03 2.79
N SER A 107 8.13 0.81 2.84
CA SER A 107 8.08 2.13 2.29
C SER A 107 8.00 2.02 0.79
N ILE A 108 8.65 1.04 0.16
CA ILE A 108 8.56 0.92 -1.30
C ILE A 108 7.14 0.67 -1.77
N TYR A 109 6.44 -0.22 -1.05
CA TYR A 109 5.04 -0.53 -1.36
C TYR A 109 4.19 0.75 -1.23
N ASN A 110 4.39 1.53 -0.15
CA ASN A 110 3.56 2.74 0.01
C ASN A 110 3.92 3.88 -0.96
N PHE A 111 5.10 3.84 -1.60
CA PHE A 111 5.50 4.89 -2.54
C PHE A 111 4.95 4.63 -3.96
N CYS A 112 4.08 3.62 -4.13
CA CYS A 112 3.56 3.32 -5.44
C CYS A 112 2.36 4.19 -5.83
N ASP A 113 2.05 5.18 -5.00
CA ASP A 113 0.94 6.12 -5.32
C ASP A 113 1.40 7.51 -4.87
N LYS A 114 1.75 8.39 -5.83
CA LYS A 114 2.21 9.73 -5.49
C LYS A 114 1.30 10.46 -4.50
N PRO A 115 0.00 10.45 -4.77
CA PRO A 115 -0.93 11.13 -3.88
C PRO A 115 -0.93 10.58 -2.51
N TRP A 116 -0.59 9.29 -2.36
CA TRP A 116 -0.61 8.71 -1.02
C TRP A 116 0.61 9.23 -0.22
N VAL A 117 1.74 9.39 -0.92
CA VAL A 117 2.98 9.89 -0.34
C VAL A 117 2.73 11.38 -0.01
N PHE A 118 2.13 12.08 -0.97
CA PHE A 118 1.84 13.50 -0.77
C PHE A 118 0.96 13.72 0.45
N ALA A 119 0.12 12.75 0.77
CA ALA A 119 -0.79 12.89 1.89
C ALA A 119 0.03 12.91 3.16
N GLN A 120 1.22 12.30 3.09
CA GLN A 120 2.12 12.23 4.26
C GLN A 120 2.71 13.60 4.44
N MET A 121 3.12 14.19 3.31
CA MET A 121 3.73 15.53 3.25
C MET A 121 2.74 16.58 3.78
N VAL A 122 1.45 16.38 3.48
CA VAL A 122 0.41 17.30 3.93
C VAL A 122 0.37 17.24 5.43
N ALA A 123 0.59 16.07 5.99
CA ALA A 123 0.58 15.95 7.45
C ALA A 123 1.83 16.60 8.08
N ILE A 124 2.95 16.43 7.42
CA ILE A 124 4.21 17.04 7.86
C ILE A 124 3.97 18.56 7.84
N PHE A 125 3.29 19.01 6.78
CA PHE A 125 2.96 20.42 6.56
C PHE A 125 2.08 20.98 7.66
N LYS A 126 1.12 20.18 8.11
CA LYS A 126 0.17 20.57 9.16
C LYS A 126 0.89 20.58 10.51
N THR A 127 1.97 19.83 10.62
CA THR A 127 2.64 19.79 11.88
C THR A 127 3.59 20.96 12.02
N LEU A 128 4.41 21.11 11.00
CA LEU A 128 5.46 22.12 10.91
C LEU A 128 5.16 23.58 10.49
N GLY A 129 4.06 23.81 9.78
CA GLY A 129 3.71 25.15 9.32
C GLY A 129 4.42 25.45 8.01
N GLY A 130 3.87 26.36 7.23
CA GLY A 130 4.46 26.68 5.94
C GLY A 130 5.81 27.36 5.86
N GLU A 131 6.19 28.14 6.87
CA GLU A 131 7.47 28.86 6.80
C GLU A 131 8.64 27.89 6.82
N LYS A 132 8.56 26.85 7.66
CA LYS A 132 9.62 25.82 7.72
C LYS A 132 9.38 24.73 6.65
N PHE A 133 8.13 24.36 6.38
CA PHE A 133 7.83 23.33 5.35
C PHE A 133 6.85 23.89 4.33
N PRO A 134 7.37 24.66 3.38
CA PRO A 134 6.52 25.26 2.36
C PRO A 134 5.97 24.29 1.28
N LEU A 135 4.95 23.54 1.66
CA LEU A 135 4.36 22.57 0.73
C LEU A 135 3.50 23.29 -0.32
N ILE A 136 3.71 22.97 -1.60
CA ILE A 136 2.94 23.63 -2.66
C ILE A 136 1.48 23.30 -2.41
N GLU A 137 0.56 24.19 -2.76
CA GLU A 137 -0.83 23.81 -2.49
C GLU A 137 -1.25 22.88 -3.62
N GLN A 138 -2.09 21.93 -3.29
CA GLN A 138 -2.47 20.94 -4.28
C GLN A 138 -3.86 20.51 -4.02
N THR A 139 -4.52 20.13 -5.11
CA THR A 139 -5.88 19.59 -5.00
C THR A 139 -5.85 18.14 -5.56
N TYR A 140 -6.49 17.24 -4.83
CA TYR A 140 -6.55 15.81 -5.22
C TYR A 140 -7.93 15.43 -5.78
N TYR A 141 -7.96 14.97 -7.03
CA TYR A 141 -9.22 14.52 -7.68
C TYR A 141 -9.24 12.98 -7.75
N PRO A 142 -10.10 12.32 -6.94
CA PRO A 142 -10.18 10.85 -6.94
C PRO A 142 -10.26 10.31 -8.36
N ASN A 143 -10.95 11.05 -9.21
CA ASN A 143 -11.14 10.70 -10.62
C ASN A 143 -11.63 11.95 -11.37
N HIS A 144 -11.64 11.92 -12.70
CA HIS A 144 -12.08 13.05 -13.53
C HIS A 144 -13.41 13.71 -13.14
N ARG A 145 -14.33 12.97 -12.52
CA ARG A 145 -15.62 13.60 -12.16
C ARG A 145 -15.56 14.71 -11.13
N GLU A 146 -14.66 14.64 -10.15
CA GLU A 146 -14.58 15.72 -9.15
C GLU A 146 -13.93 16.98 -9.73
N MET A 147 -13.37 16.86 -10.94
CA MET A 147 -12.71 17.97 -11.58
C MET A 147 -13.60 19.13 -12.06
N LEU A 148 -14.81 19.22 -11.49
CA LEU A 148 -15.76 20.31 -11.78
C LEU A 148 -15.49 21.37 -10.71
N THR A 149 -14.66 20.97 -9.75
CA THR A 149 -14.21 21.81 -8.66
C THR A 149 -12.96 22.48 -9.29
N LEU A 150 -13.16 23.64 -9.93
CA LEU A 150 -12.04 24.35 -10.59
C LEU A 150 -11.05 25.02 -9.64
N PRO A 151 -9.76 24.93 -9.98
CA PRO A 151 -8.67 25.49 -9.20
C PRO A 151 -8.34 26.89 -9.78
N THR A 152 -7.38 27.57 -9.16
CA THR A 152 -6.91 28.89 -9.58
C THR A 152 -5.73 28.72 -10.56
N PHE A 153 -5.89 29.16 -11.81
CA PHE A 153 -4.89 29.02 -12.89
C PHE A 153 -3.80 30.03 -12.84
N PRO A 154 -2.62 29.74 -13.43
CA PRO A 154 -2.23 28.50 -14.13
C PRO A 154 -1.79 27.39 -13.14
N VAL A 155 -2.08 26.12 -13.51
CA VAL A 155 -1.73 24.97 -12.67
C VAL A 155 -0.98 23.98 -13.49
N VAL A 156 -0.32 23.05 -12.82
CA VAL A 156 0.32 21.95 -13.53
C VAL A 156 -0.59 20.77 -13.14
N VAL A 157 -1.19 20.08 -14.12
CA VAL A 157 -2.02 18.95 -13.76
C VAL A 157 -1.13 17.76 -13.91
N LYS A 158 -1.17 16.94 -12.86
CA LYS A 158 -0.38 15.72 -12.82
C LYS A 158 -1.36 14.57 -12.75
N ILE A 159 -1.33 13.78 -13.82
CA ILE A 159 -2.22 12.62 -13.97
C ILE A 159 -1.62 11.27 -13.56
N GLY A 160 -2.31 10.58 -12.66
CA GLY A 160 -1.84 9.26 -12.29
C GLY A 160 -0.53 9.26 -11.55
N HIS A 161 0.26 8.21 -11.78
CA HIS A 161 1.52 8.01 -11.12
C HIS A 161 2.52 7.74 -12.21
N ALA A 162 3.29 8.75 -12.55
CA ALA A 162 4.31 8.63 -13.61
C ALA A 162 5.58 9.46 -13.24
N HIS A 163 6.63 9.34 -14.06
CA HIS A 163 7.90 9.96 -13.77
C HIS A 163 8.54 10.79 -14.90
N SER A 164 9.55 11.57 -14.55
CA SER A 164 10.27 12.33 -15.55
C SER A 164 9.37 13.04 -16.57
N GLY A 165 8.54 13.94 -16.08
CA GLY A 165 7.64 14.67 -16.95
C GLY A 165 6.34 14.00 -17.40
N MET A 166 6.34 12.67 -17.54
CA MET A 166 5.16 11.98 -18.01
C MET A 166 3.84 12.26 -17.32
N GLY A 167 2.81 12.61 -18.12
CA GLY A 167 1.48 12.85 -17.59
C GLY A 167 1.23 14.18 -16.89
N LYS A 168 2.16 15.11 -17.03
CA LYS A 168 2.05 16.42 -16.39
C LYS A 168 1.86 17.53 -17.46
N VAL A 169 0.85 18.35 -17.25
CA VAL A 169 0.49 19.37 -18.23
C VAL A 169 0.18 20.76 -17.65
N LYS A 170 0.70 21.81 -18.28
CA LYS A 170 0.39 23.16 -17.80
C LYS A 170 -0.98 23.54 -18.32
N VAL A 171 -1.83 24.09 -17.47
CA VAL A 171 -3.16 24.52 -17.88
C VAL A 171 -3.37 25.92 -17.34
N GLU A 172 -3.76 26.83 -18.23
CA GLU A 172 -3.97 28.24 -17.89
C GLU A 172 -5.41 28.81 -17.81
N ASN A 173 -6.41 28.05 -18.25
CA ASN A 173 -7.82 28.51 -18.25
C ASN A 173 -8.77 27.32 -18.11
N HIS A 174 -10.02 27.59 -17.71
CA HIS A 174 -11.01 26.55 -17.48
C HIS A 174 -11.60 25.80 -18.68
N TYR A 175 -11.13 26.09 -19.89
CA TYR A 175 -11.64 25.36 -21.05
C TYR A 175 -10.63 24.27 -21.27
N ASP A 176 -9.38 24.69 -21.19
CA ASP A 176 -8.31 23.75 -21.37
C ASP A 176 -8.33 22.72 -20.25
N PHE A 177 -8.80 23.12 -19.07
CA PHE A 177 -8.90 22.26 -17.91
C PHE A 177 -10.04 21.22 -18.06
N GLN A 178 -11.10 21.59 -18.77
CA GLN A 178 -12.21 20.68 -18.98
C GLN A 178 -11.75 19.64 -20.01
N ASP A 179 -10.86 20.02 -20.92
CA ASP A 179 -10.37 19.06 -21.89
C ASP A 179 -9.39 18.04 -21.19
N ILE A 180 -8.46 18.52 -20.36
CA ILE A 180 -7.55 17.64 -19.66
C ILE A 180 -8.37 16.68 -18.76
N ALA A 181 -9.39 17.18 -18.08
CA ALA A 181 -10.24 16.30 -17.27
C ALA A 181 -10.86 15.20 -18.16
N SER A 182 -11.52 15.57 -19.25
CA SER A 182 -12.10 14.55 -20.10
C SER A 182 -11.00 13.54 -20.48
N VAL A 183 -9.72 13.94 -20.44
CA VAL A 183 -8.70 12.93 -20.76
C VAL A 183 -8.57 12.04 -19.53
N VAL A 184 -8.45 12.65 -18.36
CA VAL A 184 -8.37 11.88 -17.11
C VAL A 184 -9.54 10.84 -17.03
N ALA A 185 -10.54 11.00 -17.89
CA ALA A 185 -11.67 10.08 -17.86
C ALA A 185 -11.29 8.87 -18.73
N LEU A 186 -10.35 9.06 -19.64
CA LEU A 186 -9.89 7.99 -20.49
C LEU A 186 -8.77 7.25 -19.80
N THR A 187 -7.92 7.93 -19.03
CA THR A 187 -6.86 7.19 -18.34
C THR A 187 -7.53 6.42 -17.18
N GLN A 188 -8.74 6.81 -16.82
CA GLN A 188 -9.47 6.15 -15.74
C GLN A 188 -8.70 6.11 -14.42
N THR A 189 -8.08 7.21 -14.05
CA THR A 189 -7.29 7.27 -12.81
C THR A 189 -7.50 8.59 -12.06
N TYR A 190 -6.71 8.80 -10.99
CA TYR A 190 -6.79 10.00 -10.20
C TYR A 190 -5.83 11.04 -10.79
N ALA A 191 -6.00 12.28 -10.37
CA ALA A 191 -5.13 13.32 -10.88
C ALA A 191 -5.05 14.45 -9.87
N THR A 192 -3.97 15.22 -9.96
CA THR A 192 -3.84 16.36 -9.08
C THR A 192 -3.56 17.64 -9.90
N ALA A 193 -3.93 18.75 -9.26
CA ALA A 193 -3.70 20.10 -9.79
C ALA A 193 -3.02 20.94 -8.67
N GLU A 194 -1.95 21.59 -9.09
CA GLU A 194 -1.16 22.47 -8.22
C GLU A 194 -0.77 23.70 -9.04
N PRO A 195 -0.61 24.85 -8.37
CA PRO A 195 -0.22 26.07 -9.11
C PRO A 195 1.04 25.93 -9.91
N PHE A 196 1.07 26.53 -11.10
CA PHE A 196 2.26 26.50 -11.94
C PHE A 196 3.13 27.64 -11.44
N ILE A 197 4.29 27.33 -10.90
CA ILE A 197 5.19 28.33 -10.35
C ILE A 197 6.30 28.74 -11.34
N ASP A 198 6.39 30.02 -11.72
CA ASP A 198 7.44 30.46 -12.69
C ASP A 198 8.78 30.41 -11.92
N ALA A 199 9.69 29.59 -12.42
CA ALA A 199 10.93 29.35 -11.68
C ALA A 199 12.32 29.78 -12.18
N LYS A 200 13.21 29.94 -11.21
CA LYS A 200 14.61 30.25 -11.49
C LYS A 200 15.27 28.90 -11.70
N TYR A 201 14.96 27.95 -10.81
CA TYR A 201 15.57 26.63 -10.90
C TYR A 201 14.89 25.63 -9.98
N ASP A 202 15.25 24.35 -10.14
CA ASP A 202 14.70 23.29 -9.30
C ASP A 202 15.68 23.05 -8.17
N ILE A 203 15.13 22.56 -7.08
CA ILE A 203 15.91 22.23 -5.92
C ILE A 203 15.67 20.75 -5.56
N ARG A 204 16.74 20.04 -5.24
CA ARG A 204 16.60 18.65 -4.79
C ARG A 204 17.52 18.47 -3.58
N VAL A 205 16.94 18.13 -2.44
CA VAL A 205 17.70 17.92 -1.22
C VAL A 205 17.74 16.40 -0.97
N GLN A 206 18.90 15.77 -1.11
CA GLN A 206 18.96 14.35 -0.91
C GLN A 206 19.53 13.88 0.43
N LYS A 207 19.09 12.69 0.84
CA LYS A 207 19.55 12.13 2.06
C LYS A 207 19.81 10.64 1.92
N ILE A 208 21.08 10.29 2.04
CA ILE A 208 21.56 8.92 2.02
C ILE A 208 22.16 8.63 3.43
N GLY A 209 21.48 7.79 4.22
CA GLY A 209 21.93 7.50 5.56
C GLY A 209 22.00 8.82 6.31
N ASN A 210 23.20 9.28 6.63
CA ASN A 210 23.33 10.55 7.33
C ASN A 210 24.03 11.64 6.49
N ASN A 211 24.17 11.41 5.17
CA ASN A 211 24.80 12.32 4.26
C ASN A 211 23.75 13.14 3.54
N TYR A 212 23.99 14.46 3.48
CA TYR A 212 23.08 15.38 2.82
C TYR A 212 23.73 16.15 1.70
N LYS A 213 22.97 16.43 0.65
CA LYS A 213 23.47 17.19 -0.47
C LYS A 213 22.28 17.94 -1.08
N ALA A 214 22.56 19.13 -1.60
CA ALA A 214 21.52 19.93 -2.28
C ALA A 214 22.08 20.20 -3.67
N TYR A 215 21.21 20.23 -4.66
CA TYR A 215 21.62 20.44 -6.03
C TYR A 215 20.59 21.42 -6.57
N MET A 216 20.93 22.11 -7.65
CA MET A 216 20.00 23.05 -8.23
C MET A 216 20.14 22.80 -9.72
N ARG A 217 19.06 23.05 -10.44
CA ARG A 217 19.05 22.84 -11.87
C ARG A 217 18.33 24.06 -12.44
N THR A 218 18.99 24.69 -13.41
CA THR A 218 18.43 25.86 -14.09
C THR A 218 18.26 25.40 -15.52
N SER A 219 17.11 25.66 -16.12
CA SER A 219 16.91 25.25 -17.51
C SER A 219 17.36 26.27 -18.54
N ILE A 220 18.00 25.75 -19.58
CA ILE A 220 18.49 26.56 -20.66
C ILE A 220 17.69 26.22 -21.92
N SER A 221 16.79 25.25 -21.80
CA SER A 221 15.97 24.80 -22.92
C SER A 221 14.80 25.72 -23.28
N GLY A 222 14.04 26.15 -22.28
CA GLY A 222 12.92 27.03 -22.56
C GLY A 222 11.65 26.74 -21.77
N ASN A 223 10.85 25.78 -22.23
CA ASN A 223 9.60 25.44 -21.55
C ASN A 223 9.80 25.15 -20.05
N TRP A 224 8.71 25.16 -19.30
CA TRP A 224 8.72 24.94 -17.87
C TRP A 224 9.27 23.58 -17.38
N LYS A 225 9.13 22.53 -18.18
CA LYS A 225 9.66 21.24 -17.78
C LYS A 225 11.17 21.34 -17.83
N THR A 226 11.74 21.77 -16.70
CA THR A 226 13.18 21.97 -16.50
C THR A 226 14.06 20.73 -16.64
N ASN A 227 13.46 19.56 -16.49
CA ASN A 227 14.15 18.28 -16.60
C ASN A 227 14.40 17.91 -18.04
N THR A 228 14.06 18.82 -18.95
CA THR A 228 14.21 18.59 -20.38
C THR A 228 15.51 19.07 -21.02
N GLY A 229 15.94 18.31 -22.03
CA GLY A 229 17.15 18.62 -22.79
C GLY A 229 18.41 18.91 -22.01
N SER A 230 18.85 20.16 -22.10
CA SER A 230 20.04 20.60 -21.38
C SER A 230 19.57 21.44 -20.20
N ALA A 231 20.24 21.28 -19.06
CA ALA A 231 19.89 22.01 -17.84
C ALA A 231 21.14 22.15 -16.97
N MET A 232 21.32 23.34 -16.41
CA MET A 232 22.48 23.61 -15.55
C MET A 232 22.31 23.02 -14.14
N LEU A 233 22.96 21.87 -13.92
CA LEU A 233 22.94 21.18 -12.64
C LEU A 233 24.26 21.38 -11.85
N GLU A 234 24.15 21.52 -10.54
CA GLU A 234 25.34 21.69 -9.71
C GLU A 234 25.04 21.46 -8.24
N GLN A 235 26.03 20.95 -7.50
CA GLN A 235 25.82 20.78 -6.07
C GLN A 235 25.99 22.20 -5.54
N ILE A 236 25.19 22.55 -4.55
CA ILE A 236 25.31 23.82 -3.87
C ILE A 236 25.42 23.43 -2.42
N ALA A 237 25.46 24.44 -1.56
CA ALA A 237 25.62 24.25 -0.14
C ALA A 237 24.30 23.96 0.60
N MET A 238 24.37 22.99 1.53
CA MET A 238 23.24 22.58 2.39
C MET A 238 22.94 23.80 3.24
N SER A 239 21.85 23.76 4.00
CA SER A 239 21.39 24.85 4.88
C SER A 239 20.46 24.18 5.89
N ASP A 240 20.15 24.84 7.00
CA ASP A 240 19.25 24.25 8.00
C ASP A 240 17.86 24.00 7.44
N ARG A 241 17.41 24.93 6.62
CA ARG A 241 16.09 24.90 6.01
C ARG A 241 15.87 23.62 5.22
N TYR A 242 16.84 23.36 4.37
CA TYR A 242 16.85 22.20 3.51
C TYR A 242 16.88 20.89 4.31
N LYS A 243 17.76 20.85 5.31
CA LYS A 243 17.96 19.67 6.12
C LYS A 243 16.66 19.32 6.83
N LEU A 244 15.96 20.33 7.29
CA LEU A 244 14.73 20.03 8.00
C LEU A 244 13.71 19.38 7.05
N TRP A 245 13.76 19.81 5.80
CA TRP A 245 12.84 19.28 4.79
C TRP A 245 12.98 17.79 4.60
N VAL A 246 14.17 17.36 4.24
CA VAL A 246 14.37 15.97 3.96
C VAL A 246 14.34 15.09 5.20
N ASP A 247 14.71 15.64 6.38
CA ASP A 247 14.67 14.91 7.67
C ASP A 247 13.20 14.67 8.08
N ALA A 248 12.31 15.63 7.86
CA ALA A 248 10.94 15.38 8.24
C ALA A 248 10.33 14.36 7.26
N CYS A 249 10.64 14.45 5.97
CA CYS A 249 10.04 13.54 5.00
C CYS A 249 10.61 12.13 5.19
N SER A 250 11.89 12.02 5.57
CA SER A 250 12.52 10.74 5.77
C SER A 250 11.88 9.90 6.89
N GLU A 251 11.02 10.52 7.69
CA GLU A 251 10.37 9.75 8.77
C GLU A 251 9.17 8.87 8.33
N MET A 252 8.55 9.19 7.21
CA MET A 252 7.32 8.46 6.83
C MET A 252 7.47 6.98 6.49
N PHE A 253 6.35 6.27 6.60
CA PHE A 253 6.26 4.86 6.32
C PHE A 253 7.35 4.08 7.05
N GLY A 254 7.59 4.43 8.31
CA GLY A 254 8.61 3.73 9.09
C GLY A 254 10.06 4.18 8.91
N GLY A 255 10.30 5.13 8.01
CA GLY A 255 11.67 5.58 7.79
C GLY A 255 12.25 5.25 6.44
N LEU A 256 12.81 6.26 5.81
CA LEU A 256 13.41 6.10 4.51
C LEU A 256 14.90 6.26 4.65
N ASP A 257 15.67 5.25 4.31
CA ASP A 257 17.13 5.38 4.40
C ASP A 257 17.65 6.31 3.28
N ILE A 258 17.01 6.27 2.10
CA ILE A 258 17.40 7.05 0.93
C ILE A 258 16.24 7.84 0.35
N CYS A 259 16.29 9.17 0.46
CA CYS A 259 15.23 9.95 -0.13
C CYS A 259 15.61 11.35 -0.56
N ALA A 260 14.67 12.05 -1.17
CA ALA A 260 14.97 13.36 -1.65
C ALA A 260 13.76 14.25 -1.80
N VAL A 261 13.86 15.49 -1.36
CA VAL A 261 12.76 16.42 -1.55
C VAL A 261 13.01 17.23 -2.83
N LYS A 262 11.99 17.36 -3.66
CA LYS A 262 12.09 18.15 -4.88
C LYS A 262 11.23 19.40 -4.67
N ALA A 263 11.76 20.54 -5.03
CA ALA A 263 11.06 21.80 -4.89
C ALA A 263 11.44 22.77 -6.03
N VAL A 264 10.55 23.72 -6.35
CA VAL A 264 10.91 24.71 -7.37
C VAL A 264 11.12 26.04 -6.60
N HIS A 265 12.14 26.79 -7.03
CA HIS A 265 12.38 28.09 -6.41
C HIS A 265 11.80 29.12 -7.38
N GLY A 266 10.74 29.77 -6.95
CA GLY A 266 10.07 30.75 -7.78
C GLY A 266 10.78 32.07 -8.08
N LYS A 267 10.20 32.82 -9.01
CA LYS A 267 10.77 34.10 -9.36
C LYS A 267 10.40 35.01 -8.21
N ASP A 268 9.25 34.75 -7.59
CA ASP A 268 8.79 35.55 -6.45
C ASP A 268 9.70 35.24 -5.22
N GLY A 269 10.92 34.77 -5.52
CA GLY A 269 11.93 34.41 -4.52
C GLY A 269 11.55 33.30 -3.53
N LYS A 270 10.39 32.66 -3.73
CA LYS A 270 9.92 31.60 -2.82
C LYS A 270 10.23 30.13 -3.17
N ASP A 271 10.11 29.30 -2.13
CA ASP A 271 10.34 27.85 -2.26
C ASP A 271 9.00 27.10 -2.26
N TYR A 272 8.87 26.15 -3.20
CA TYR A 272 7.67 25.31 -3.30
C TYR A 272 8.03 23.81 -3.32
N ILE A 273 7.73 23.13 -2.23
CA ILE A 273 8.00 21.69 -2.17
C ILE A 273 6.85 20.97 -2.92
N PHE A 274 7.19 20.18 -3.93
CA PHE A 274 6.10 19.50 -4.62
C PHE A 274 6.15 17.96 -4.67
N GLU A 275 7.20 17.33 -4.16
CA GLU A 275 7.27 15.88 -4.21
C GLU A 275 8.42 15.39 -3.39
N VAL A 276 8.30 14.13 -2.92
CA VAL A 276 9.37 13.46 -2.18
C VAL A 276 9.66 12.18 -2.97
N MET A 277 10.91 11.84 -3.18
CA MET A 277 11.30 10.63 -3.88
C MET A 277 11.94 9.74 -2.82
N ASP A 278 12.01 8.44 -3.12
CA ASP A 278 12.52 7.43 -2.22
C ASP A 278 13.77 6.76 -2.80
N CYS A 279 14.08 5.54 -2.40
CA CYS A 279 15.29 4.91 -2.89
C CYS A 279 15.41 4.80 -4.38
N SER A 280 14.36 5.14 -5.12
CA SER A 280 14.50 5.03 -6.57
C SER A 280 15.00 6.32 -7.21
N MET A 281 15.35 7.32 -6.39
CA MET A 281 15.86 8.59 -6.91
C MET A 281 17.12 8.32 -7.71
N PRO A 282 17.19 8.93 -8.88
CA PRO A 282 18.38 8.71 -9.71
C PRO A 282 19.57 9.41 -9.06
N LEU A 283 20.77 8.86 -9.26
CA LEU A 283 21.97 9.51 -8.72
C LEU A 283 22.41 10.58 -9.75
N ILE A 284 22.54 11.81 -9.29
CA ILE A 284 22.87 12.94 -10.19
C ILE A 284 24.05 13.84 -9.87
N GLY A 285 24.60 14.45 -10.92
CA GLY A 285 25.70 15.37 -10.70
C GLY A 285 27.05 14.76 -10.97
N GLU A 286 28.06 15.27 -10.28
CA GLU A 286 29.41 14.77 -10.49
C GLU A 286 29.96 13.98 -9.31
N HIS A 287 29.15 13.78 -8.27
CA HIS A 287 29.60 13.03 -7.09
C HIS A 287 28.96 11.68 -7.00
N GLN A 288 28.50 11.18 -8.13
CA GLN A 288 27.84 9.91 -8.15
C GLN A 288 28.67 8.74 -7.59
N VAL A 289 29.97 8.69 -7.87
CA VAL A 289 30.82 7.60 -7.36
C VAL A 289 30.92 7.74 -5.84
N GLU A 290 30.80 8.98 -5.39
CA GLU A 290 30.82 9.31 -3.97
C GLU A 290 29.53 8.73 -3.36
N ASP A 291 28.38 9.09 -3.93
CA ASP A 291 27.11 8.59 -3.43
C ASP A 291 27.02 7.05 -3.54
N ARG A 292 27.43 6.48 -4.65
CA ARG A 292 27.40 5.04 -4.70
C ARG A 292 28.18 4.47 -3.49
N GLN A 293 29.20 5.21 -3.03
CA GLN A 293 30.01 4.77 -1.88
C GLN A 293 29.19 4.83 -0.56
N LEU A 294 28.50 5.94 -0.36
CA LEU A 294 27.66 6.16 0.81
C LEU A 294 26.61 5.05 0.89
N ILE A 295 26.00 4.75 -0.26
CA ILE A 295 24.97 3.74 -0.32
C ILE A 295 25.55 2.38 0.02
N THR A 296 26.68 2.07 -0.59
CA THR A 296 27.39 0.82 -0.34
C THR A 296 27.56 0.67 1.18
N ASP A 297 28.08 1.71 1.84
CA ASP A 297 28.26 1.68 3.30
C ASP A 297 26.91 1.37 4.02
N LEU A 298 25.84 2.04 3.59
CA LEU A 298 24.50 1.87 4.11
C LEU A 298 24.09 0.40 4.09
N VAL A 299 24.18 -0.21 2.92
CA VAL A 299 23.84 -1.60 2.72
C VAL A 299 24.70 -2.54 3.60
N ILE A 300 25.97 -2.22 3.77
CA ILE A 300 26.85 -3.05 4.61
C ILE A 300 26.36 -2.85 6.03
N SER A 301 26.14 -1.62 6.40
CA SER A 301 25.63 -1.35 7.71
C SER A 301 24.32 -2.14 8.04
N LYS A 302 23.36 -2.12 7.13
CA LYS A 302 22.09 -2.81 7.35
C LYS A 302 22.24 -4.31 7.29
N MET A 303 23.12 -4.81 6.42
CA MET A 303 23.30 -6.24 6.40
C MET A 303 23.87 -6.73 7.76
N ASN A 304 24.81 -5.99 8.36
CA ASN A 304 25.42 -6.40 9.64
C ASN A 304 24.37 -6.31 10.74
N GLN A 305 23.40 -5.43 10.54
CA GLN A 305 22.37 -5.23 11.53
C GLN A 305 21.27 -6.28 11.48
N LEU A 306 20.81 -6.60 10.28
CA LEU A 306 19.73 -7.55 10.10
C LEU A 306 20.03 -8.99 9.76
N LEU A 307 21.23 -9.33 9.33
CA LEU A 307 21.49 -10.71 8.94
C LEU A 307 22.18 -11.56 10.02
N SER A 308 22.26 -12.87 9.75
CA SER A 308 22.87 -13.88 10.66
C SER A 308 23.83 -14.81 9.92
N ARG A 309 24.74 -15.42 10.68
CA ARG A 309 25.72 -16.36 10.12
C ARG A 309 25.08 -17.44 9.24
N LYS B 1 -23.39 20.72 19.67
CA LYS B 1 -24.19 20.42 18.45
C LYS B 1 -24.01 18.96 18.05
N ALA B 2 -23.39 18.72 16.91
CA ALA B 2 -23.16 17.35 16.46
C ALA B 2 -21.93 17.21 15.58
N LYS B 3 -21.33 16.03 15.62
CA LYS B 3 -20.16 15.75 14.82
C LYS B 3 -20.57 14.81 13.68
N VAL B 4 -19.96 15.00 12.51
CA VAL B 4 -20.27 14.19 11.32
C VAL B 4 -19.46 12.87 11.18
N LEU B 5 -20.18 11.75 11.31
CA LEU B 5 -19.61 10.40 11.16
C LEU B 5 -20.07 9.79 9.84
N LEU B 6 -19.10 9.44 9.00
CA LEU B 6 -19.44 8.79 7.75
C LEU B 6 -19.27 7.29 7.99
N VAL B 7 -20.30 6.48 7.76
CA VAL B 7 -20.15 5.05 7.93
C VAL B 7 -20.29 4.47 6.52
N VAL B 8 -19.27 3.74 6.06
CA VAL B 8 -19.32 3.15 4.72
C VAL B 8 -19.79 1.71 4.90
N ASP B 9 -21.06 1.46 4.60
CA ASP B 9 -21.62 0.13 4.78
C ASP B 9 -22.91 0.05 4.00
N GLU B 10 -23.43 -1.17 3.83
CA GLU B 10 -24.69 -1.42 3.09
C GLU B 10 -25.90 -0.99 3.91
N PRO B 11 -27.04 -0.76 3.23
CA PRO B 11 -28.30 -0.34 3.87
C PRO B 11 -28.90 -1.23 4.98
N HIS B 12 -28.71 -2.54 4.85
CA HIS B 12 -29.26 -3.49 5.80
C HIS B 12 -28.82 -3.37 7.26
N THR B 13 -28.06 -2.33 7.56
CA THR B 13 -27.68 -2.09 8.94
C THR B 13 -27.98 -0.61 9.08
N ASP B 14 -28.53 -0.26 10.23
CA ASP B 14 -28.93 1.11 10.49
C ASP B 14 -27.99 1.74 11.51
N TRP B 15 -26.86 2.26 11.02
CA TRP B 15 -25.91 2.86 11.92
C TRP B 15 -26.45 4.15 12.55
N ALA B 16 -27.32 4.88 11.85
CA ALA B 16 -27.90 6.10 12.47
C ALA B 16 -28.66 5.69 13.74
N LYS B 17 -29.20 4.49 13.75
CA LYS B 17 -29.96 4.02 14.90
C LYS B 17 -29.02 3.65 16.01
N CYS B 18 -27.95 2.98 15.62
CA CYS B 18 -26.96 2.52 16.57
C CYS B 18 -26.36 3.70 17.35
N PHE B 19 -26.24 4.87 16.71
CA PHE B 19 -25.66 6.04 17.37
C PHE B 19 -26.71 7.06 17.80
N ARG B 20 -27.94 6.59 17.95
CA ARG B 20 -29.06 7.43 18.34
C ARG B 20 -28.98 7.76 19.83
N GLY B 21 -29.04 9.05 20.13
CA GLY B 21 -29.00 9.52 21.51
C GLY B 21 -27.62 9.61 22.13
N LYS B 22 -26.65 8.92 21.53
CA LYS B 22 -25.30 8.92 22.06
C LYS B 22 -24.65 10.31 21.93
N LYS B 23 -23.84 10.62 22.95
CA LYS B 23 -23.13 11.89 23.06
C LYS B 23 -21.61 11.66 23.10
N ILE B 24 -20.89 12.69 22.73
CA ILE B 24 -19.43 12.67 22.76
C ILE B 24 -19.03 14.06 23.22
N LEU B 25 -17.92 14.16 23.93
CA LEU B 25 -17.45 15.46 24.39
C LEU B 25 -18.52 16.09 25.29
N GLY B 26 -19.31 15.22 25.91
CA GLY B 26 -20.37 15.66 26.81
C GLY B 26 -21.66 16.16 26.16
N ASP B 27 -21.55 17.22 25.37
CA ASP B 27 -22.71 17.85 24.73
C ASP B 27 -22.95 17.57 23.25
N TYR B 28 -21.85 17.39 22.49
CA TYR B 28 -21.91 17.12 21.04
C TYR B 28 -22.61 15.77 20.70
N ASP B 29 -23.66 15.84 19.88
CA ASP B 29 -24.45 14.67 19.44
C ASP B 29 -23.82 14.08 18.17
N ILE B 30 -24.28 12.92 17.72
CA ILE B 30 -23.69 12.37 16.52
C ILE B 30 -24.59 12.26 15.29
N LYS B 31 -24.12 12.91 14.22
CA LYS B 31 -24.78 12.92 12.91
C LYS B 31 -24.14 11.82 12.04
N VAL B 32 -24.95 10.85 11.63
CA VAL B 32 -24.47 9.74 10.81
C VAL B 32 -24.82 9.86 9.32
N GLU B 33 -23.82 9.72 8.47
CA GLU B 33 -24.04 9.72 7.02
C GLU B 33 -23.64 8.28 6.65
N GLN B 34 -24.54 7.54 6.00
CA GLN B 34 -24.21 6.18 5.65
C GLN B 34 -24.36 5.97 4.17
N ALA B 35 -23.39 5.30 3.57
CA ALA B 35 -23.40 5.01 2.15
C ALA B 35 -22.26 4.04 1.81
N GLU B 36 -22.33 3.51 0.60
CA GLU B 36 -21.35 2.56 0.15
C GLU B 36 -20.33 3.19 -0.77
N PHE B 37 -19.16 2.58 -0.84
CA PHE B 37 -18.14 3.13 -1.69
C PHE B 37 -18.63 3.48 -3.07
N SER B 38 -19.55 2.70 -3.61
CA SER B 38 -20.03 2.96 -4.97
C SER B 38 -20.86 4.20 -5.08
N GLU B 39 -21.33 4.69 -3.94
CA GLU B 39 -22.14 5.90 -3.89
C GLU B 39 -21.35 7.15 -3.44
N LEU B 40 -20.10 6.96 -3.02
CA LEU B 40 -19.30 8.06 -2.53
C LEU B 40 -18.29 8.59 -3.48
N ASN B 41 -17.93 9.84 -3.26
CA ASN B 41 -16.89 10.51 -4.02
C ASN B 41 -16.46 11.69 -3.16
N LEU B 42 -15.30 12.27 -3.45
CA LEU B 42 -14.90 13.39 -2.64
C LEU B 42 -13.81 14.18 -3.31
N VAL B 43 -13.45 15.30 -2.68
CA VAL B 43 -12.35 16.12 -3.19
C VAL B 43 -11.64 16.61 -1.90
N ALA B 44 -10.33 16.70 -1.95
CA ALA B 44 -9.59 17.13 -0.77
C ALA B 44 -8.44 18.04 -1.21
N HIS B 45 -8.04 19.00 -0.35
CA HIS B 45 -6.97 19.96 -0.68
C HIS B 45 -5.88 19.97 0.37
N ALA B 46 -4.65 20.22 -0.07
CA ALA B 46 -3.51 20.21 0.85
C ALA B 46 -3.67 21.12 2.08
N ASP B 47 -4.64 22.02 2.05
CA ASP B 47 -4.85 22.97 3.15
C ASP B 47 -5.79 22.51 4.26
N GLY B 48 -6.29 21.28 4.21
CA GLY B 48 -7.15 20.82 5.29
C GLY B 48 -8.63 20.77 5.01
N THR B 49 -9.01 21.28 3.86
CA THR B 49 -10.41 21.30 3.50
C THR B 49 -10.75 20.16 2.54
N TYR B 50 -11.96 19.65 2.68
CA TYR B 50 -12.45 18.56 1.84
C TYR B 50 -13.98 18.52 1.91
N ALA B 51 -14.59 17.72 1.04
CA ALA B 51 -16.05 17.58 0.97
C ALA B 51 -16.47 16.25 0.29
N VAL B 52 -17.28 15.48 1.00
CA VAL B 52 -17.74 14.20 0.48
C VAL B 52 -19.18 14.37 0.06
N ASP B 53 -19.51 13.79 -1.10
CA ASP B 53 -20.85 13.86 -1.65
C ASP B 53 -21.36 12.47 -1.87
N MET B 54 -22.45 12.16 -1.18
CA MET B 54 -23.11 10.86 -1.23
C MET B 54 -24.08 10.92 -2.39
N GLN B 55 -24.39 9.78 -3.00
CA GLN B 55 -25.35 9.71 -4.13
C GLN B 55 -26.01 8.38 -3.83
N VAL B 56 -27.28 8.41 -3.45
CA VAL B 56 -27.98 7.16 -3.12
C VAL B 56 -29.39 7.35 -3.58
N LEU B 57 -30.16 6.28 -3.62
CA LEU B 57 -31.54 6.36 -4.05
C LEU B 57 -32.34 5.75 -2.92
N ARG B 58 -33.03 6.59 -2.18
CA ARG B 58 -33.84 6.12 -1.07
C ARG B 58 -35.28 6.44 -1.39
N ASN B 59 -36.11 5.39 -1.32
CA ASN B 59 -37.54 5.50 -1.61
C ASN B 59 -37.67 6.31 -2.91
N GLY B 60 -37.24 5.71 -4.02
CA GLY B 60 -37.32 6.40 -5.30
C GLY B 60 -36.74 7.79 -5.25
N THR B 61 -36.32 8.24 -4.07
CA THR B 61 -35.76 9.57 -3.93
C THR B 61 -34.25 9.57 -4.10
N LYS B 62 -33.81 9.77 -5.33
CA LYS B 62 -32.39 9.83 -5.65
C LYS B 62 -31.77 11.00 -4.88
N VAL B 63 -31.01 10.69 -3.84
CA VAL B 63 -30.35 11.71 -3.01
C VAL B 63 -28.95 12.12 -3.52
N VAL B 64 -28.64 13.41 -3.46
CA VAL B 64 -27.33 13.91 -3.86
C VAL B 64 -26.87 14.90 -2.82
N ARG B 65 -26.86 14.47 -1.57
CA ARG B 65 -26.46 15.31 -0.43
C ARG B 65 -24.95 15.44 -0.32
N SER B 66 -24.49 16.56 0.22
CA SER B 66 -23.05 16.78 0.36
C SER B 66 -22.78 16.99 1.84
N PHE B 67 -21.53 16.79 2.24
CA PHE B 67 -21.15 16.96 3.64
C PHE B 67 -19.66 16.85 3.91
N ARG B 68 -19.29 17.11 5.17
CA ARG B 68 -17.91 17.08 5.58
C ARG B 68 -17.77 16.25 6.86
N PRO B 69 -17.42 14.95 6.72
CA PRO B 69 -17.24 14.07 7.88
C PRO B 69 -16.06 14.43 8.74
N ASP B 70 -16.18 14.20 10.03
CA ASP B 70 -15.07 14.50 10.92
C ASP B 70 -14.46 13.16 11.36
N PHE B 71 -15.01 12.05 10.87
CA PHE B 71 -14.55 10.71 11.25
C PHE B 71 -15.24 9.65 10.37
N VAL B 72 -14.51 8.57 10.05
CA VAL B 72 -15.06 7.51 9.20
C VAL B 72 -15.01 6.14 9.84
N LEU B 73 -16.06 5.35 9.63
CA LEU B 73 -16.13 3.96 10.10
C LEU B 73 -16.34 3.21 8.78
N ILE B 74 -15.41 2.32 8.46
CA ILE B 74 -15.48 1.61 7.18
C ILE B 74 -15.83 0.16 7.42
N ARG B 75 -16.82 -0.33 6.67
CA ARG B 75 -17.27 -1.71 6.84
C ARG B 75 -17.21 -2.55 5.57
N GLN B 76 -16.89 -1.91 4.44
CA GLN B 76 -16.74 -2.58 3.13
C GLN B 76 -15.25 -2.82 2.74
N HIS B 77 -15.03 -3.55 1.63
CA HIS B 77 -13.70 -3.87 1.07
C HIS B 77 -13.36 -2.71 0.16
N ALA B 78 -12.20 -2.09 0.37
CA ALA B 78 -11.86 -0.97 -0.50
C ALA B 78 -11.34 -1.41 -1.86
N PHE B 79 -10.90 -2.66 -1.97
CA PHE B 79 -10.41 -3.14 -3.25
C PHE B 79 -10.90 -4.54 -3.69
N GLY B 80 -10.97 -4.82 -4.98
CA GLY B 80 -11.39 -6.14 -5.42
C GLY B 80 -11.07 -6.06 -6.89
N MET B 81 -10.73 -7.18 -7.54
CA MET B 81 -10.35 -7.14 -8.94
C MET B 81 -11.47 -7.51 -9.86
N ALA B 82 -12.67 -7.64 -9.35
CA ALA B 82 -13.81 -7.94 -10.20
C ALA B 82 -14.18 -6.56 -10.74
N GLU B 83 -15.18 -6.44 -11.60
CA GLU B 83 -15.49 -5.12 -12.14
C GLU B 83 -16.17 -4.19 -11.15
N ASN B 84 -15.69 -2.95 -11.10
CA ASN B 84 -16.24 -1.92 -10.25
C ASN B 84 -16.08 -2.18 -8.75
N GLU B 85 -14.93 -2.74 -8.39
CA GLU B 85 -14.67 -2.98 -6.98
C GLU B 85 -13.46 -2.14 -6.55
N ASP B 86 -12.82 -1.48 -7.50
CA ASP B 86 -11.65 -0.67 -7.20
C ASP B 86 -11.89 0.71 -6.57
N PHE B 87 -11.76 0.84 -5.25
CA PHE B 87 -11.95 2.10 -4.53
C PHE B 87 -10.73 2.61 -3.75
N ARG B 88 -9.55 2.26 -4.26
CA ARG B 88 -8.34 2.69 -3.58
C ARG B 88 -8.26 4.22 -3.72
N HIS B 89 -8.53 4.73 -4.92
CA HIS B 89 -8.51 6.16 -5.15
C HIS B 89 -9.26 6.89 -4.02
N LEU B 90 -10.35 6.34 -3.51
CA LEU B 90 -11.07 7.00 -2.42
C LEU B 90 -10.37 6.88 -1.07
N VAL B 91 -9.80 5.72 -0.75
CA VAL B 91 -9.17 5.66 0.55
C VAL B 91 -7.98 6.66 0.58
N ILE B 92 -7.35 6.81 -0.57
CA ILE B 92 -6.23 7.70 -0.72
C ILE B 92 -6.78 9.10 -0.43
N GLY B 93 -7.84 9.47 -1.14
CA GLY B 93 -8.49 10.76 -0.92
C GLY B 93 -8.79 10.99 0.57
N MET B 94 -9.33 10.01 1.29
CA MET B 94 -9.64 10.27 2.66
C MET B 94 -8.36 10.43 3.52
N GLN B 95 -7.24 9.85 3.09
CA GLN B 95 -6.03 10.02 3.87
C GLN B 95 -5.47 11.42 3.55
N TYR B 96 -5.60 11.82 2.30
CA TYR B 96 -5.15 13.12 1.83
C TYR B 96 -5.82 14.19 2.71
N ALA B 97 -7.09 13.96 3.07
CA ALA B 97 -7.86 14.89 3.89
C ALA B 97 -7.60 14.67 5.37
N GLY B 98 -6.69 13.76 5.69
CA GLY B 98 -6.42 13.52 7.10
C GLY B 98 -7.55 13.00 7.99
N LEU B 99 -8.58 12.35 7.44
CA LEU B 99 -9.63 11.86 8.31
C LEU B 99 -9.25 10.80 9.29
N PRO B 100 -9.78 10.88 10.51
CA PRO B 100 -9.48 9.88 11.54
C PRO B 100 -10.46 8.76 11.19
N SER B 101 -10.16 7.51 11.58
CA SER B 101 -11.08 6.42 11.24
C SER B 101 -10.82 5.10 11.87
N ILE B 102 -11.80 4.22 11.70
CA ILE B 102 -11.73 2.86 12.21
C ILE B 102 -12.10 1.92 11.08
N ASN B 103 -11.18 1.06 10.65
CA ASN B 103 -9.82 0.97 11.15
C ASN B 103 -9.05 2.17 10.53
N SER B 104 -7.78 2.34 10.88
CA SER B 104 -7.00 3.45 10.32
C SER B 104 -6.94 3.30 8.83
N LEU B 105 -6.95 4.43 8.12
CA LEU B 105 -6.86 4.38 6.68
C LEU B 105 -5.54 3.69 6.28
N GLU B 106 -4.51 3.78 7.12
CA GLU B 106 -3.22 3.16 6.86
C GLU B 106 -3.41 1.65 6.62
N SER B 107 -4.09 1.03 7.58
CA SER B 107 -4.32 -0.37 7.53
C SER B 107 -5.21 -0.73 6.37
N ILE B 108 -6.22 0.09 6.08
CA ILE B 108 -7.12 -0.22 5.00
C ILE B 108 -6.41 -0.22 3.66
N TYR B 109 -5.54 0.76 3.46
CA TYR B 109 -4.76 0.84 2.24
C TYR B 109 -3.90 -0.46 2.13
N ASN B 110 -3.24 -0.87 3.22
CA ASN B 110 -2.39 -2.03 3.14
C ASN B 110 -3.17 -3.36 3.01
N PHE B 111 -4.45 -3.38 3.40
CA PHE B 111 -5.24 -4.62 3.25
C PHE B 111 -5.77 -4.80 1.83
N CYS B 112 -5.36 -3.93 0.89
CA CYS B 112 -5.85 -4.06 -0.46
C CYS B 112 -5.14 -5.12 -1.33
N ASP B 113 -4.22 -5.88 -0.72
CA ASP B 113 -3.52 -6.97 -1.42
C ASP B 113 -3.39 -8.13 -0.43
N LYS B 114 -4.18 -9.19 -0.62
CA LYS B 114 -4.15 -10.32 0.34
C LYS B 114 -2.74 -10.87 0.61
N PRO B 115 -1.96 -11.13 -0.45
CA PRO B 115 -0.60 -11.65 -0.24
C PRO B 115 0.25 -10.72 0.62
N TRP B 116 0.03 -9.40 0.49
CA TRP B 116 0.78 -8.41 1.29
C TRP B 116 0.37 -8.60 2.76
N VAL B 117 -0.94 -8.82 3.02
CA VAL B 117 -1.36 -9.08 4.38
C VAL B 117 -0.78 -10.43 4.87
N PHE B 118 -0.87 -11.44 4.01
CA PHE B 118 -0.34 -12.74 4.37
C PHE B 118 1.15 -12.68 4.72
N ALA B 119 1.89 -11.80 4.06
CA ALA B 119 3.33 -11.65 4.35
C ALA B 119 3.51 -11.22 5.83
N GLN B 120 2.59 -10.41 6.37
CA GLN B 120 2.65 -9.99 7.77
C GLN B 120 2.40 -11.25 8.67
N MET B 121 1.43 -12.07 8.28
CA MET B 121 1.17 -13.34 9.00
C MET B 121 2.37 -14.29 8.96
N VAL B 122 3.11 -14.32 7.86
CA VAL B 122 4.28 -15.17 7.75
C VAL B 122 5.32 -14.72 8.78
N ALA B 123 5.39 -13.41 9.03
CA ALA B 123 6.36 -12.86 9.96
C ALA B 123 5.95 -13.18 11.39
N ILE B 124 4.64 -13.19 11.63
CA ILE B 124 4.18 -13.55 12.97
C ILE B 124 4.50 -15.08 13.15
N PHE B 125 4.31 -15.84 12.09
CA PHE B 125 4.56 -17.27 12.12
C PHE B 125 6.02 -17.52 12.51
N LYS B 126 6.96 -16.79 11.89
CA LYS B 126 8.37 -16.93 12.20
C LYS B 126 8.55 -16.50 13.64
N THR B 127 7.81 -15.50 14.10
CA THR B 127 8.00 -15.12 15.49
C THR B 127 7.37 -16.03 16.58
N LEU B 128 6.14 -16.52 16.40
CA LEU B 128 5.51 -17.38 17.41
C LEU B 128 5.76 -18.87 17.23
N GLY B 129 6.01 -19.32 16.00
CA GLY B 129 6.20 -20.75 15.74
C GLY B 129 4.84 -21.41 15.45
N GLY B 130 4.87 -22.58 14.82
CA GLY B 130 3.64 -23.31 14.50
C GLY B 130 2.72 -23.71 15.66
N GLU B 131 3.24 -24.33 16.71
CA GLU B 131 2.40 -24.75 17.83
C GLU B 131 1.49 -23.63 18.20
N LYS B 132 2.01 -22.42 18.36
CA LYS B 132 1.12 -21.32 18.74
C LYS B 132 0.44 -20.63 17.56
N PHE B 133 1.10 -20.56 16.41
CA PHE B 133 0.50 -19.85 15.27
C PHE B 133 0.60 -20.72 14.06
N PRO B 134 -0.34 -21.66 13.90
CA PRO B 134 -0.34 -22.60 12.78
C PRO B 134 -0.77 -22.05 11.44
N LEU B 135 0.16 -21.35 10.80
CA LEU B 135 -0.11 -20.73 9.51
C LEU B 135 -0.08 -21.81 8.45
N ILE B 136 -1.05 -21.78 7.55
CA ILE B 136 -1.11 -22.80 6.49
C ILE B 136 0.09 -22.57 5.61
N GLU B 137 0.62 -23.63 5.02
CA GLU B 137 1.76 -23.48 4.12
C GLU B 137 1.19 -22.86 2.81
N GLN B 138 1.82 -21.84 2.28
CA GLN B 138 1.29 -21.24 1.07
C GLN B 138 2.50 -20.88 0.25
N THR B 139 2.29 -20.83 -1.07
CA THR B 139 3.29 -20.45 -2.04
C THR B 139 2.74 -19.26 -2.82
N TYR B 140 3.55 -18.20 -2.94
CA TYR B 140 3.19 -17.00 -3.69
C TYR B 140 3.84 -16.96 -5.06
N TYR B 141 3.01 -16.77 -6.09
CA TYR B 141 3.47 -16.65 -7.47
C TYR B 141 3.21 -15.20 -7.96
N PRO B 142 4.28 -14.40 -8.15
CA PRO B 142 4.09 -13.01 -8.61
C PRO B 142 3.26 -12.99 -9.93
N ASN B 143 3.40 -14.03 -10.74
CA ASN B 143 2.58 -14.16 -11.96
C ASN B 143 2.64 -15.59 -12.40
N HIS B 144 1.96 -15.91 -13.48
CA HIS B 144 1.83 -17.30 -13.98
C HIS B 144 3.10 -18.08 -14.37
N ARG B 145 4.12 -17.35 -14.82
CA ARG B 145 5.37 -17.93 -15.22
C ARG B 145 6.04 -18.64 -14.06
N GLU B 146 5.96 -18.12 -12.84
CA GLU B 146 6.57 -18.88 -11.73
C GLU B 146 5.73 -20.13 -11.31
N MET B 147 4.56 -20.37 -11.92
CA MET B 147 3.78 -21.52 -11.52
C MET B 147 4.31 -22.87 -12.08
N LEU B 148 5.51 -22.89 -12.66
CA LEU B 148 6.11 -24.13 -13.13
C LEU B 148 6.60 -24.84 -11.88
N THR B 149 6.74 -24.08 -10.79
CA THR B 149 7.12 -24.66 -9.54
C THR B 149 5.87 -25.26 -8.87
N LEU B 150 5.73 -26.58 -9.02
CA LEU B 150 4.55 -27.28 -8.50
C LEU B 150 4.49 -27.57 -7.01
N PRO B 151 3.34 -27.26 -6.40
CA PRO B 151 2.97 -27.43 -4.99
C PRO B 151 2.50 -28.87 -4.80
N THR B 152 2.30 -29.32 -3.56
CA THR B 152 1.87 -30.70 -3.35
C THR B 152 0.36 -30.74 -3.47
N PHE B 153 -0.17 -31.64 -4.30
CA PHE B 153 -1.61 -31.69 -4.45
C PHE B 153 -2.28 -32.54 -3.38
N PRO B 154 -3.53 -32.23 -3.06
CA PRO B 154 -4.35 -31.15 -3.62
C PRO B 154 -4.12 -29.79 -3.02
N VAL B 155 -4.32 -28.74 -3.83
CA VAL B 155 -4.20 -27.35 -3.38
C VAL B 155 -5.39 -26.50 -3.74
N VAL B 156 -5.57 -25.43 -2.96
CA VAL B 156 -6.60 -24.47 -3.33
C VAL B 156 -5.80 -23.31 -3.97
N VAL B 157 -6.13 -22.96 -5.22
CA VAL B 157 -5.42 -21.84 -5.81
C VAL B 157 -6.33 -20.59 -5.68
N LYS B 158 -5.80 -19.49 -5.14
CA LYS B 158 -6.55 -18.22 -4.98
C LYS B 158 -5.83 -17.16 -5.82
N ILE B 159 -6.46 -16.79 -6.93
CA ILE B 159 -6.02 -15.77 -7.89
C ILE B 159 -6.35 -14.31 -7.51
N GLY B 160 -5.35 -13.45 -7.62
CA GLY B 160 -5.47 -12.04 -7.32
C GLY B 160 -6.04 -11.72 -5.96
N HIS B 161 -6.75 -10.61 -5.88
CA HIS B 161 -7.36 -10.10 -4.64
C HIS B 161 -8.88 -10.02 -4.94
N ALA B 162 -9.63 -10.96 -4.37
CA ALA B 162 -11.03 -11.01 -4.64
C ALA B 162 -11.76 -11.58 -3.41
N HIS B 163 -13.07 -11.42 -3.39
CA HIS B 163 -13.91 -11.79 -2.23
C HIS B 163 -15.04 -12.76 -2.47
N SER B 164 -15.67 -13.15 -1.37
CA SER B 164 -16.77 -14.15 -1.39
C SER B 164 -16.53 -15.29 -2.39
N GLY B 165 -15.42 -16.00 -2.26
CA GLY B 165 -15.14 -17.12 -3.15
C GLY B 165 -14.54 -16.87 -4.51
N MET B 166 -14.69 -15.65 -5.03
CA MET B 166 -14.16 -15.35 -6.34
C MET B 166 -12.64 -15.65 -6.61
N GLY B 167 -12.33 -16.19 -7.79
CA GLY B 167 -10.96 -16.48 -8.16
C GLY B 167 -10.30 -17.63 -7.40
N LYS B 168 -11.09 -18.46 -6.69
CA LYS B 168 -10.53 -19.56 -5.95
C LYS B 168 -10.94 -20.93 -6.50
N VAL B 169 -9.95 -21.78 -6.78
CA VAL B 169 -10.20 -23.10 -7.37
C VAL B 169 -9.50 -24.25 -6.67
N LYS B 170 -10.18 -25.38 -6.51
CA LYS B 170 -9.53 -26.54 -5.89
C LYS B 170 -8.85 -27.19 -7.05
N VAL B 171 -7.58 -27.54 -6.89
CA VAL B 171 -6.82 -28.16 -7.97
C VAL B 171 -6.19 -29.49 -7.50
N GLU B 172 -6.61 -30.59 -8.16
CA GLU B 172 -6.17 -31.95 -7.76
C GLU B 172 -4.99 -32.63 -8.41
N ASN B 173 -4.58 -32.15 -9.58
CA ASN B 173 -3.43 -32.78 -10.17
C ASN B 173 -2.67 -31.79 -11.03
N HIS B 174 -1.50 -32.21 -11.38
CA HIS B 174 -0.60 -31.47 -12.21
C HIS B 174 -1.16 -30.88 -13.54
N TYR B 175 -1.85 -31.69 -14.34
CA TYR B 175 -2.41 -31.23 -15.63
C TYR B 175 -3.40 -30.07 -15.40
N ASP B 176 -4.31 -30.27 -14.46
CA ASP B 176 -5.29 -29.25 -14.12
C ASP B 176 -4.55 -28.00 -13.55
N PHE B 177 -3.36 -28.17 -12.95
CA PHE B 177 -2.64 -27.01 -12.40
C PHE B 177 -2.07 -26.19 -13.56
N GLN B 178 -1.57 -26.86 -14.57
CA GLN B 178 -1.02 -26.18 -15.74
C GLN B 178 -2.14 -25.38 -16.44
N ASP B 179 -3.38 -25.91 -16.43
CA ASP B 179 -4.55 -25.30 -17.05
C ASP B 179 -4.88 -23.97 -16.28
N ILE B 180 -5.00 -24.06 -14.95
CA ILE B 180 -5.29 -22.91 -14.12
C ILE B 180 -4.20 -21.88 -14.30
N ALA B 181 -2.93 -22.30 -14.34
CA ALA B 181 -1.87 -21.33 -14.57
C ALA B 181 -2.06 -20.60 -15.91
N SER B 182 -2.49 -21.32 -16.94
CA SER B 182 -2.66 -20.70 -18.24
C SER B 182 -3.81 -19.68 -18.12
N VAL B 183 -4.71 -19.89 -17.18
CA VAL B 183 -5.74 -18.91 -17.00
C VAL B 183 -5.16 -17.75 -16.21
N VAL B 184 -4.36 -18.02 -15.15
CA VAL B 184 -3.78 -16.93 -14.37
C VAL B 184 -3.07 -15.99 -15.38
N ALA B 185 -2.48 -16.53 -16.44
CA ALA B 185 -1.84 -15.70 -17.44
C ALA B 185 -2.79 -14.70 -18.09
N LEU B 186 -4.11 -14.92 -18.09
CA LEU B 186 -5.06 -13.98 -18.71
C LEU B 186 -5.54 -12.95 -17.69
N THR B 187 -5.51 -13.28 -16.41
CA THR B 187 -5.97 -12.34 -15.40
C THR B 187 -4.84 -11.34 -15.17
N GLN B 188 -3.66 -11.70 -15.67
CA GLN B 188 -2.44 -10.95 -15.52
C GLN B 188 -2.24 -10.46 -14.11
N THR B 189 -2.43 -11.35 -13.15
CA THR B 189 -2.22 -10.93 -11.77
C THR B 189 -1.44 -12.01 -11.00
N TYR B 190 -1.24 -11.80 -9.72
CA TYR B 190 -0.54 -12.78 -8.93
C TYR B 190 -1.49 -13.93 -8.46
N ALA B 191 -0.94 -15.03 -7.95
CA ALA B 191 -1.81 -16.10 -7.44
C ALA B 191 -1.12 -16.84 -6.32
N THR B 192 -1.90 -17.48 -5.45
CA THR B 192 -1.30 -18.30 -4.39
C THR B 192 -1.85 -19.71 -4.47
N ALA B 193 -1.09 -20.67 -3.92
CA ALA B 193 -1.47 -22.09 -3.83
C ALA B 193 -1.12 -22.55 -2.41
N GLU B 194 -2.09 -23.17 -1.75
CA GLU B 194 -1.93 -23.66 -0.38
C GLU B 194 -2.66 -25.03 -0.34
N PRO B 195 -2.20 -25.95 0.53
CA PRO B 195 -2.84 -27.27 0.60
C PRO B 195 -4.33 -27.24 0.85
N PHE B 196 -5.05 -28.07 0.11
CA PHE B 196 -6.47 -28.17 0.30
C PHE B 196 -6.66 -29.02 1.55
N ILE B 197 -7.22 -28.43 2.60
CA ILE B 197 -7.41 -29.17 3.81
C ILE B 197 -8.78 -29.89 3.76
N ASP B 198 -8.79 -31.19 4.09
CA ASP B 198 -10.07 -31.96 4.15
C ASP B 198 -10.61 -31.51 5.52
N ALA B 199 -11.64 -30.68 5.54
CA ALA B 199 -12.08 -30.12 6.81
C ALA B 199 -13.37 -30.53 7.52
N LYS B 200 -13.30 -30.54 8.86
CA LYS B 200 -14.51 -30.85 9.64
C LYS B 200 -15.33 -29.55 9.65
N TYR B 201 -14.69 -28.38 9.85
CA TYR B 201 -15.38 -27.04 9.87
C TYR B 201 -14.46 -25.78 9.83
N ASP B 202 -15.07 -24.63 9.56
CA ASP B 202 -14.38 -23.34 9.55
C ASP B 202 -14.34 -22.77 10.98
N ILE B 203 -13.35 -21.91 11.24
CA ILE B 203 -13.18 -21.23 12.51
C ILE B 203 -12.89 -19.77 12.22
N ARG B 204 -13.57 -18.88 12.94
CA ARG B 204 -13.29 -17.45 12.79
C ARG B 204 -13.18 -16.84 14.19
N VAL B 205 -12.02 -16.31 14.52
CA VAL B 205 -11.77 -15.66 15.81
C VAL B 205 -11.77 -14.16 15.57
N GLN B 206 -12.72 -13.47 16.18
CA GLN B 206 -12.80 -12.05 15.96
C GLN B 206 -12.44 -11.20 17.15
N LYS B 207 -12.09 -9.96 16.86
CA LYS B 207 -11.68 -8.99 17.82
C LYS B 207 -12.19 -7.61 17.47
N ILE B 208 -13.06 -7.09 18.35
CA ILE B 208 -13.64 -5.75 18.24
C ILE B 208 -13.16 -5.01 19.49
N GLY B 209 -12.23 -4.08 19.33
CA GLY B 209 -11.74 -3.35 20.47
C GLY B 209 -11.15 -4.35 21.42
N ASN B 210 -11.83 -4.62 22.53
CA ASN B 210 -11.32 -5.58 23.51
C ASN B 210 -12.24 -6.80 23.71
N ASN B 211 -13.20 -6.93 22.81
CA ASN B 211 -14.16 -8.04 22.83
C ASN B 211 -13.69 -9.13 21.87
N TYR B 212 -13.55 -10.34 22.40
CA TYR B 212 -13.12 -11.51 21.62
C TYR B 212 -14.29 -12.47 21.43
N LYS B 213 -14.28 -13.25 20.36
CA LYS B 213 -15.41 -14.11 20.10
C LYS B 213 -15.06 -15.14 19.04
N ALA B 214 -15.30 -16.42 19.33
CA ALA B 214 -14.99 -17.49 18.39
C ALA B 214 -16.23 -18.20 17.81
N TYR B 215 -16.22 -18.44 16.52
CA TYR B 215 -17.33 -19.10 15.85
C TYR B 215 -16.83 -20.30 15.04
N MET B 216 -17.73 -21.24 14.74
CA MET B 216 -17.35 -22.37 13.91
C MET B 216 -18.39 -22.37 12.82
N ARG B 217 -18.08 -23.01 11.69
CA ARG B 217 -19.01 -23.01 10.55
C ARG B 217 -18.90 -24.26 9.70
N THR B 218 -19.95 -25.06 9.77
CA THR B 218 -20.06 -26.30 9.04
C THR B 218 -20.97 -26.10 7.81
N SER B 219 -20.65 -26.78 6.71
CA SER B 219 -21.42 -26.67 5.45
C SER B 219 -22.63 -27.61 5.44
N ILE B 220 -23.62 -27.33 4.60
CA ILE B 220 -24.79 -28.20 4.46
C ILE B 220 -25.18 -28.16 3.00
N SER B 221 -24.16 -28.02 2.14
CA SER B 221 -24.36 -27.90 0.72
C SER B 221 -23.45 -28.79 -0.12
N GLY B 222 -22.51 -29.48 0.53
CA GLY B 222 -21.59 -30.31 -0.23
C GLY B 222 -20.43 -29.59 -0.94
N ASN B 223 -20.44 -28.26 -0.85
CA ASN B 223 -19.40 -27.39 -1.44
C ASN B 223 -18.20 -27.22 -0.45
N TRP B 224 -16.97 -27.26 -0.94
CA TRP B 224 -15.83 -27.08 -0.03
C TRP B 224 -15.70 -25.58 0.32
N LYS B 225 -16.15 -24.69 -0.54
CA LYS B 225 -16.08 -23.27 -0.22
C LYS B 225 -17.29 -23.07 0.67
N THR B 226 -17.10 -23.23 1.97
CA THR B 226 -18.18 -23.15 2.93
C THR B 226 -18.97 -21.85 3.07
N ASN B 227 -18.73 -20.83 2.25
CA ASN B 227 -19.50 -19.58 2.37
C ASN B 227 -20.48 -19.55 1.19
N THR B 228 -21.43 -18.61 1.15
CA THR B 228 -22.39 -18.63 0.05
C THR B 228 -23.19 -19.93 0.25
N GLY B 229 -23.84 -20.42 -0.79
CA GLY B 229 -24.63 -21.64 -0.66
C GLY B 229 -25.41 -21.68 0.63
N SER B 230 -24.91 -22.44 1.61
CA SER B 230 -25.55 -22.53 2.92
C SER B 230 -24.76 -23.32 3.98
N ALA B 231 -24.78 -22.87 5.25
CA ALA B 231 -24.05 -23.56 6.34
C ALA B 231 -24.46 -23.28 7.80
N MET B 232 -24.51 -24.33 8.61
CA MET B 232 -24.87 -24.19 10.04
C MET B 232 -23.75 -23.49 10.80
N LEU B 233 -24.04 -22.28 11.26
CA LEU B 233 -23.09 -21.46 12.01
C LEU B 233 -23.40 -21.42 13.52
N GLU B 234 -22.44 -21.83 14.33
CA GLU B 234 -22.61 -21.82 15.78
C GLU B 234 -21.36 -21.27 16.52
N GLN B 235 -21.58 -20.59 17.63
CA GLN B 235 -20.46 -20.02 18.35
C GLN B 235 -19.79 -21.01 19.25
N ILE B 236 -18.47 -20.94 19.38
CA ILE B 236 -17.78 -21.84 20.28
C ILE B 236 -17.14 -20.93 21.30
N ALA B 237 -16.49 -21.51 22.31
CA ALA B 237 -15.87 -20.73 23.35
C ALA B 237 -14.44 -20.32 23.04
N MET B 238 -14.10 -19.10 23.45
CA MET B 238 -12.76 -18.53 23.27
C MET B 238 -11.73 -19.18 24.18
N SER B 239 -10.59 -19.58 23.62
CA SER B 239 -9.49 -20.16 24.39
C SER B 239 -8.36 -19.16 24.24
N ASP B 240 -7.26 -19.36 24.94
CA ASP B 240 -6.19 -18.39 24.82
C ASP B 240 -5.42 -18.70 23.54
N ARG B 241 -5.49 -19.95 23.12
CA ARG B 241 -4.84 -20.31 21.89
C ARG B 241 -5.43 -19.39 20.82
N TYR B 242 -6.76 -19.28 20.77
CA TYR B 242 -7.45 -18.46 19.77
C TYR B 242 -7.17 -16.96 19.93
N LYS B 243 -7.17 -16.53 21.19
CA LYS B 243 -6.95 -15.15 21.53
C LYS B 243 -5.58 -14.68 21.08
N LEU B 244 -4.56 -15.55 21.22
CA LEU B 244 -3.21 -15.21 20.83
C LEU B 244 -3.17 -15.00 19.30
N TRP B 245 -3.98 -15.76 18.57
CA TRP B 245 -4.06 -15.65 17.13
C TRP B 245 -4.49 -14.29 16.64
N VAL B 246 -5.63 -13.81 17.12
CA VAL B 246 -6.15 -12.54 16.64
C VAL B 246 -5.41 -11.35 17.25
N ASP B 247 -4.86 -11.53 18.46
CA ASP B 247 -4.07 -10.50 19.15
C ASP B 247 -2.75 -10.25 18.36
N ALA B 248 -2.11 -11.31 17.89
CA ALA B 248 -0.86 -11.11 17.18
C ALA B 248 -1.15 -10.47 15.84
N CYS B 249 -2.19 -10.90 15.13
CA CYS B 249 -2.51 -10.32 13.84
C CYS B 249 -2.99 -8.88 13.96
N SER B 250 -3.72 -8.57 15.03
CA SER B 250 -4.23 -7.21 15.20
C SER B 250 -3.13 -6.14 15.36
N GLU B 251 -1.87 -6.54 15.55
CA GLU B 251 -0.83 -5.51 15.68
C GLU B 251 -0.29 -4.98 14.34
N MET B 252 -0.52 -5.66 13.22
CA MET B 252 0.04 -5.20 11.93
C MET B 252 -0.50 -3.88 11.40
N PHE B 253 0.30 -3.28 10.54
CA PHE B 253 0.02 -2.02 9.89
C PHE B 253 -0.38 -0.97 10.91
N GLY B 254 0.36 -0.96 12.02
CA GLY B 254 0.14 -0.01 13.10
C GLY B 254 -1.05 -0.35 13.99
N GLY B 255 -1.70 -1.49 13.78
CA GLY B 255 -2.84 -1.78 14.64
C GLY B 255 -4.20 -1.79 13.97
N LEU B 256 -4.97 -2.85 14.22
CA LEU B 256 -6.29 -3.00 13.66
C LEU B 256 -7.24 -3.06 14.84
N ASP B 257 -8.21 -2.13 14.86
CA ASP B 257 -9.19 -2.07 15.92
C ASP B 257 -10.19 -3.21 15.81
N ILE B 258 -10.52 -3.56 14.55
CA ILE B 258 -11.44 -4.64 14.20
C ILE B 258 -10.83 -5.65 13.23
N CYS B 259 -10.63 -6.89 13.65
CA CYS B 259 -10.13 -7.87 12.71
C CYS B 259 -10.51 -9.30 13.08
N ALA B 260 -10.28 -10.23 12.16
CA ALA B 260 -10.65 -11.63 12.43
C ALA B 260 -9.71 -12.60 11.76
N VAL B 261 -9.41 -13.71 12.42
CA VAL B 261 -8.55 -14.73 11.83
C VAL B 261 -9.42 -15.88 11.29
N LYS B 262 -9.13 -16.33 10.08
CA LYS B 262 -9.85 -17.43 9.45
C LYS B 262 -8.98 -18.67 9.45
N ALA B 263 -9.57 -19.78 9.85
CA ALA B 263 -8.85 -21.04 9.87
C ALA B 263 -9.81 -22.23 9.57
N VAL B 264 -9.23 -23.31 9.06
CA VAL B 264 -9.99 -24.51 8.76
C VAL B 264 -9.50 -25.53 9.79
N HIS B 265 -10.42 -26.29 10.42
CA HIS B 265 -10.00 -27.34 11.35
C HIS B 265 -10.09 -28.64 10.59
N GLY B 266 -8.94 -29.26 10.34
CA GLY B 266 -8.93 -30.49 9.57
C GLY B 266 -9.42 -31.75 10.25
N LYS B 267 -9.67 -32.78 9.43
CA LYS B 267 -10.08 -34.07 9.93
C LYS B 267 -8.88 -34.64 10.68
N ASP B 268 -7.68 -34.09 10.48
CA ASP B 268 -6.53 -34.58 11.22
C ASP B 268 -6.43 -33.91 12.58
N GLY B 269 -7.48 -33.21 12.98
CA GLY B 269 -7.45 -32.52 14.26
C GLY B 269 -6.61 -31.24 14.39
N LYS B 270 -5.91 -30.83 13.33
CA LYS B 270 -5.08 -29.60 13.36
C LYS B 270 -5.72 -28.38 12.73
N ASP B 271 -5.43 -27.21 13.28
CA ASP B 271 -5.94 -25.93 12.75
C ASP B 271 -4.95 -25.44 11.68
N TYR B 272 -5.45 -24.71 10.70
CA TYR B 272 -4.65 -24.13 9.68
C TYR B 272 -5.15 -22.71 9.47
N ILE B 273 -4.36 -21.73 9.89
CA ILE B 273 -4.77 -20.32 9.71
C ILE B 273 -4.55 -19.96 8.21
N PHE B 274 -5.56 -19.41 7.53
CA PHE B 274 -5.31 -19.09 6.14
C PHE B 274 -5.55 -17.70 5.69
N GLU B 275 -6.08 -16.87 6.58
CA GLU B 275 -6.37 -15.47 6.23
C GLU B 275 -6.73 -14.61 7.45
N VAL B 276 -6.43 -13.32 7.37
CA VAL B 276 -6.82 -12.37 8.39
C VAL B 276 -7.69 -11.31 7.68
N MET B 277 -8.79 -10.91 8.30
CA MET B 277 -9.67 -9.91 7.71
C MET B 277 -9.61 -8.74 8.64
N ASP B 278 -9.91 -7.56 8.11
CA ASP B 278 -9.86 -6.30 8.87
C ASP B 278 -11.27 -5.71 9.17
N CYS B 279 -11.41 -4.39 9.22
CA CYS B 279 -12.68 -3.78 9.54
C CYS B 279 -13.80 -4.11 8.54
N SER B 280 -13.48 -4.77 7.43
CA SER B 280 -14.54 -5.07 6.48
C SER B 280 -15.13 -6.45 6.71
N MET B 281 -14.76 -7.07 7.83
CA MET B 281 -15.30 -8.40 8.14
C MET B 281 -16.80 -8.28 8.36
N PRO B 282 -17.57 -9.19 7.77
CA PRO B 282 -19.01 -9.11 7.96
C PRO B 282 -19.38 -9.52 9.39
N LEU B 283 -20.46 -8.99 9.93
CA LEU B 283 -20.89 -9.39 11.26
C LEU B 283 -21.71 -10.67 11.11
N ILE B 284 -21.48 -11.63 11.99
CA ILE B 284 -22.21 -12.88 11.90
C ILE B 284 -22.64 -13.41 13.27
N GLY B 285 -23.36 -14.53 13.24
CA GLY B 285 -23.82 -15.16 14.45
C GLY B 285 -25.07 -14.54 14.99
N GLU B 286 -25.47 -14.98 16.19
CA GLU B 286 -26.67 -14.45 16.82
C GLU B 286 -26.32 -13.35 17.81
N HIS B 287 -25.12 -12.77 17.65
CA HIS B 287 -24.68 -11.67 18.51
C HIS B 287 -24.31 -10.42 17.71
N GLN B 288 -24.90 -10.26 16.53
CA GLN B 288 -24.62 -9.10 15.70
C GLN B 288 -24.93 -7.77 16.38
N VAL B 289 -26.16 -7.60 16.83
CA VAL B 289 -26.54 -6.35 17.49
C VAL B 289 -25.48 -6.07 18.54
N GLU B 290 -25.15 -7.11 19.29
CA GLU B 290 -24.13 -7.04 20.32
C GLU B 290 -22.82 -6.40 19.73
N ASP B 291 -22.30 -6.98 18.65
CA ASP B 291 -21.08 -6.51 17.98
C ASP B 291 -21.21 -5.09 17.50
N ARG B 292 -22.38 -4.77 16.94
CA ARG B 292 -22.57 -3.42 16.45
C ARG B 292 -22.49 -2.47 17.66
N GLN B 293 -22.90 -2.99 18.81
CA GLN B 293 -22.87 -2.19 20.02
C GLN B 293 -21.42 -1.89 20.36
N LEU B 294 -20.64 -2.96 20.35
CA LEU B 294 -19.24 -2.87 20.64
C LEU B 294 -18.50 -1.91 19.71
N ILE B 295 -18.84 -1.96 18.43
CA ILE B 295 -18.23 -1.10 17.44
C ILE B 295 -18.61 0.35 17.72
N THR B 296 -19.90 0.58 17.95
CA THR B 296 -20.40 1.91 18.27
C THR B 296 -19.55 2.50 19.38
N ASP B 297 -19.37 1.73 20.45
CA ASP B 297 -18.57 2.14 21.59
C ASP B 297 -17.19 2.54 21.15
N LEU B 298 -16.61 1.69 20.29
CA LEU B 298 -15.28 1.91 19.73
C LEU B 298 -15.18 3.27 19.02
N VAL B 299 -16.14 3.53 18.14
CA VAL B 299 -16.16 4.79 17.39
C VAL B 299 -16.31 6.01 18.29
N ILE B 300 -17.04 5.83 19.38
CA ILE B 300 -17.24 6.93 20.29
C ILE B 300 -15.95 7.15 21.02
N SER B 301 -15.36 6.06 21.45
CA SER B 301 -14.14 6.14 22.19
C SER B 301 -13.06 6.81 21.37
N LYS B 302 -12.96 6.44 20.09
CA LYS B 302 -11.93 7.01 19.22
C LYS B 302 -12.27 8.47 18.87
N MET B 303 -13.55 8.81 18.72
CA MET B 303 -13.91 10.19 18.39
C MET B 303 -13.52 11.14 19.55
N ASN B 304 -13.72 10.68 20.79
CA ASN B 304 -13.36 11.48 21.97
C ASN B 304 -11.87 11.69 22.11
N GLN B 305 -11.10 10.65 21.85
CA GLN B 305 -9.67 10.78 21.98
C GLN B 305 -9.06 11.55 20.80
N LEU B 306 -9.75 11.58 19.67
CA LEU B 306 -9.19 12.23 18.48
C LEU B 306 -9.81 13.54 18.01
N LEU B 307 -11.07 13.78 18.33
CA LEU B 307 -11.70 14.99 17.86
C LEU B 307 -11.55 16.18 18.80
N SER B 308 -12.01 17.33 18.30
CA SER B 308 -11.97 18.60 19.03
C SER B 308 -13.30 19.36 18.88
N ARG B 309 -13.55 20.28 19.80
CA ARG B 309 -14.77 21.07 19.78
C ARG B 309 -15.05 21.67 18.41
PG ATP C . 14.13 14.05 -14.03
O1G ATP C . 15.15 14.48 -13.04
O2G ATP C . 14.41 14.42 -15.44
O3G ATP C . 13.63 12.63 -13.82
PB ATP C . 12.10 15.32 -12.31
O1B ATP C . 12.66 16.58 -11.74
O2B ATP C . 12.13 14.09 -11.48
O3B ATP C . 12.87 15.02 -13.71
PA ATP C . 9.19 16.02 -12.22
O1A ATP C . 8.20 15.14 -12.87
O2A ATP C . 9.25 16.10 -10.75
O3A ATP C . 10.64 15.66 -12.83
O5' ATP C . 8.98 17.45 -12.78
C5' ATP C . 9.36 17.84 -14.13
C4' ATP C . 9.82 19.29 -14.12
O4' ATP C . 8.64 20.09 -13.82
C3' ATP C . 10.85 19.64 -13.06
O3' ATP C . 12.01 20.32 -13.60
C2' ATP C . 10.10 20.45 -12.07
O2' ATP C . 10.85 21.47 -11.46
C1' ATP C . 8.96 21.10 -12.88
N9 ATP C . 7.79 21.38 -12.08
C8 ATP C . 7.10 20.52 -11.29
N7 ATP C . 6.08 21.03 -10.66
C5 ATP C . 6.08 22.33 -11.09
C6 ATP C . 5.26 23.42 -10.79
N6 ATP C . 4.25 23.28 -9.96
N1 ATP C . 5.53 24.59 -11.37
C2 ATP C . 6.56 24.71 -12.21
N3 ATP C . 7.44 23.76 -12.58
C4 ATP C . 7.14 22.56 -11.96
PG ATP D . -15.18 -14.34 1.88
O1G ATP D . -16.59 -14.88 1.83
O2G ATP D . -14.86 -13.16 0.98
O3G ATP D . -14.62 -14.20 3.28
PB ATP D . -12.97 -15.38 0.33
O1B ATP D . -12.09 -14.51 1.20
O2B ATP D . -13.27 -14.93 -1.03
O3B ATP D . -14.36 -15.54 1.14
PA ATP D . -11.83 -17.77 1.54
O1A ATP D . -10.36 -17.92 1.39
O2A ATP D . -12.40 -17.39 2.89
O3A ATP D . -12.35 -16.80 0.42
O5' ATP D . -12.54 -19.12 1.09
C5' ATP D . -13.93 -19.43 1.39
C4' ATP D . -14.13 -20.76 2.09
O4' ATP D . -13.41 -21.80 1.35
C3' ATP D . -13.57 -20.81 3.45
O3' ATP D . -14.46 -20.24 4.43
C2' ATP D . -13.27 -22.28 3.65
O2' ATP D . -14.35 -23.07 4.08
C1' ATP D . -12.85 -22.78 2.25
N9 ATP D . -11.38 -22.81 2.11
C8 ATP D . -10.51 -21.79 1.79
N7 ATP D . -9.23 -22.14 1.75
C5 ATP D . -9.27 -23.49 2.07
C6 ATP D . -8.27 -24.50 2.20
N6 ATP D . -6.97 -24.22 1.99
N1 ATP D . -8.65 -25.77 2.52
C2 ATP D . -9.95 -26.02 2.70
N3 ATP D . -10.99 -25.17 2.61
C4 ATP D . -10.58 -23.90 2.28
#